data_1V7V
#
_entry.id   1V7V
#
_cell.length_a   140.946
_cell.length_b   70.580
_cell.length_c   80.045
_cell.angle_alpha   90.00
_cell.angle_beta   98.40
_cell.angle_gamma   90.00
#
_symmetry.space_group_name_H-M   'C 1 2 1'
#
loop_
_entity.id
_entity.type
_entity.pdbx_description
1 polymer 'chitobiose phosphorylase'
2 non-polymer 'CALCIUM ION'
3 water water
#
_entity_poly.entity_id   1
_entity_poly.type   'polypeptide(L)'
_entity_poly.pdbx_seq_one_letter_code
;MKYGYFDNDNREYVITRPDVPAPWTNYLGTEKFCTVISHNAGGYSFYNSPEYNRVTKFRPNATFDRPGHYVYLRDDDSGD
YWSISWQPVAKSLDEAQYQIRHGLSYSKFQCDYNGIHARKTLFVPKGEDAEIWDVVIKNTSDQVRTISAFSFVEFSFSHI
QSDNQNHQMSLYSAGTAYRPGLIEYDLYYNTDDFEGFYYLASTFDPDSYDGQRDRFLGLYRDEANPLAVEQGRCSNSAQT
CYNHCGSLHKQFTLQPGEEIRFAYILGIGKGNGERLREHYQDVANIDAAFAAIKAHWDERCAKFQVKSPNQGLDTMINAW
TLYQAETCVVWSRFASFIEVGGRTGLGYRDTAQDAISVPHANPEMTRKRIVDLLRGQVKAGYGLHLFDPDWFDPEKEDVA
PSKSPTVVPTPSDEDKIHGIKDTCSDDHLWLIPTICKYVMETGETSFFDQMIPYADGGEASVYEHMKAALDFSAEYVGQT
GICKGLRADWNDCLNLGGGESSMVSFLHFWALQEFIDLAKFLGKDQDVNTYTEMAANVREACETHLWDDEGGWYIRGLTK
NGDKIGTAQQQEGRVHLESNTLAVLSGLASQERGEQAMDAVDEHLFSPYGLHLNAPSFSTPNDDIGFVTRVYQGVKENGA
IFSHPNPWAWVAETKLGRGDRAMKFYDALNPYNQNDIIEKRIAEPYSYVQFIMGRDHQDHGRANHPWLTGTSGWAYFAVT
NYILGVQSGFTGLSVDPCIPSDWPGFEVTRQWRGATYHIQVENPDHVSKGVKSITLNGAPIQGRIPPQAQGSDNQVVVVL
GHHHHHH
;
_entity_poly.pdbx_strand_id   A
#
# COMPACT_ATOMS: atom_id res chain seq x y z
N MET A 1 9.95 -10.76 21.04
CA MET A 1 8.91 -9.94 21.70
C MET A 1 7.76 -9.61 20.74
N LYS A 2 6.54 -9.56 21.27
CA LYS A 2 5.36 -9.24 20.48
C LYS A 2 4.53 -8.20 21.21
N TYR A 3 3.75 -7.43 20.45
CA TYR A 3 2.90 -6.40 21.04
C TYR A 3 1.44 -6.61 20.68
N GLY A 4 1.16 -7.71 19.98
CA GLY A 4 -0.20 -8.00 19.59
C GLY A 4 -0.33 -9.34 18.90
N TYR A 5 -1.47 -9.55 18.25
CA TYR A 5 -1.72 -10.80 17.56
C TYR A 5 -2.80 -10.62 16.50
N PHE A 6 -2.85 -11.54 15.55
CA PHE A 6 -3.85 -11.49 14.49
C PHE A 6 -5.16 -12.12 14.94
N ASP A 7 -6.25 -11.40 14.78
CA ASP A 7 -7.57 -11.93 15.13
C ASP A 7 -8.21 -12.28 13.80
N ASN A 8 -8.05 -13.53 13.36
CA ASN A 8 -8.59 -13.97 12.08
C ASN A 8 -10.11 -13.89 11.98
N ASP A 9 -10.81 -14.20 13.06
CA ASP A 9 -12.27 -14.15 13.06
C ASP A 9 -12.85 -12.77 12.77
N ASN A 10 -12.25 -11.73 13.33
CA ASN A 10 -12.74 -10.38 13.13
C ASN A 10 -11.94 -9.55 12.12
N ARG A 11 -10.98 -10.20 11.48
CA ARG A 11 -10.13 -9.55 10.48
C ARG A 11 -9.52 -8.27 11.04
N GLU A 12 -8.92 -8.39 12.23
CA GLU A 12 -8.30 -7.24 12.87
C GLU A 12 -6.96 -7.65 13.47
N TYR A 13 -6.07 -6.68 13.65
CA TYR A 13 -4.80 -6.97 14.29
C TYR A 13 -4.97 -6.30 15.65
N VAL A 14 -4.79 -7.09 16.70
CA VAL A 14 -4.99 -6.59 18.05
C VAL A 14 -3.68 -6.25 18.75
N ILE A 15 -3.54 -4.97 19.11
CA ILE A 15 -2.35 -4.49 19.82
C ILE A 15 -2.73 -4.46 21.30
N THR A 16 -2.04 -5.28 22.09
CA THR A 16 -2.32 -5.41 23.52
C THR A 16 -1.44 -4.55 24.43
N ARG A 17 -0.39 -3.97 23.86
CA ARG A 17 0.55 -3.11 24.57
C ARG A 17 0.83 -1.96 23.63
N PRO A 18 0.55 -0.71 24.06
CA PRO A 18 0.78 0.47 23.21
C PRO A 18 2.21 1.02 23.14
N ASP A 19 3.12 0.49 23.94
CA ASP A 19 4.49 0.97 23.92
C ASP A 19 5.34 0.30 22.85
N VAL A 20 4.75 0.17 21.66
CA VAL A 20 5.42 -0.42 20.49
C VAL A 20 6.63 0.46 20.15
N PRO A 21 7.73 -0.13 19.67
CA PRO A 21 8.92 0.67 19.31
C PRO A 21 8.77 1.67 18.17
N ALA A 22 7.61 1.66 17.51
CA ALA A 22 7.34 2.60 16.42
C ALA A 22 5.85 2.72 16.23
N PRO A 23 5.39 3.75 15.52
CA PRO A 23 3.95 3.88 15.32
C PRO A 23 3.49 2.80 14.34
N TRP A 24 2.46 2.05 14.72
CA TRP A 24 1.91 1.03 13.84
C TRP A 24 0.63 1.68 13.32
N THR A 25 0.62 1.94 12.02
CA THR A 25 -0.49 2.65 11.40
C THR A 25 -1.54 1.88 10.62
N ASN A 26 -2.61 2.57 10.29
CA ASN A 26 -3.73 2.01 9.54
C ASN A 26 -4.30 3.13 8.69
N TYR A 27 -5.01 2.78 7.63
CA TYR A 27 -5.61 3.77 6.74
C TYR A 27 -7.13 3.76 6.81
N LEU A 28 -7.69 4.94 7.03
CA LEU A 28 -9.14 5.09 7.10
C LEU A 28 -9.57 5.78 5.81
N GLY A 29 -10.70 5.38 5.25
CA GLY A 29 -11.16 6.01 4.02
C GLY A 29 -11.05 5.11 2.81
N THR A 30 -12.02 5.21 1.91
CA THR A 30 -12.04 4.39 0.70
C THR A 30 -12.36 5.20 -0.54
N GLU A 31 -12.63 6.49 -0.36
CA GLU A 31 -13.01 7.34 -1.47
C GLU A 31 -12.10 8.55 -1.70
N LYS A 32 -12.30 9.63 -0.97
CA LYS A 32 -11.46 10.82 -1.13
C LYS A 32 -10.84 11.33 0.17
N PHE A 33 -11.57 11.16 1.28
CA PHE A 33 -11.07 11.60 2.58
C PHE A 33 -10.28 10.42 3.17
N CYS A 34 -9.04 10.69 3.54
CA CYS A 34 -8.16 9.65 4.07
C CYS A 34 -7.49 10.05 5.38
N THR A 35 -7.27 9.07 6.24
CA THR A 35 -6.60 9.33 7.52
C THR A 35 -5.53 8.27 7.73
N VAL A 36 -4.31 8.71 8.03
CA VAL A 36 -3.22 7.80 8.33
C VAL A 36 -3.17 7.91 9.85
N ILE A 37 -3.61 6.86 10.55
CA ILE A 37 -3.68 6.88 12.01
C ILE A 37 -2.84 5.79 12.67
N SER A 38 -2.16 6.12 13.77
CA SER A 38 -1.33 5.13 14.48
C SER A 38 -2.09 4.51 15.65
N HIS A 39 -1.47 3.54 16.31
CA HIS A 39 -2.09 2.87 17.45
C HIS A 39 -2.14 3.79 18.66
N ASN A 40 -1.51 4.96 18.53
CA ASN A 40 -1.51 5.95 19.59
C ASN A 40 -2.34 7.15 19.14
N ALA A 41 -3.19 6.93 18.14
CA ALA A 41 -4.06 7.96 17.59
C ALA A 41 -3.32 9.14 17.00
N GLY A 42 -2.03 8.97 16.75
CA GLY A 42 -1.25 10.04 16.14
C GLY A 42 -1.50 9.94 14.65
N GLY A 43 -1.29 11.03 13.93
CA GLY A 43 -1.53 10.96 12.49
C GLY A 43 -2.29 12.15 11.96
N TYR A 44 -2.77 12.03 10.72
CA TYR A 44 -3.46 13.14 10.09
C TYR A 44 -4.41 12.68 8.99
N SER A 45 -5.24 13.63 8.53
CA SER A 45 -6.19 13.36 7.46
C SER A 45 -5.93 14.34 6.32
N PHE A 46 -6.34 13.96 5.11
CA PHE A 46 -6.21 14.82 3.95
C PHE A 46 -7.37 14.48 3.01
N TYR A 47 -7.63 15.35 2.05
CA TYR A 47 -8.71 15.14 1.11
C TYR A 47 -8.16 15.16 -0.31
N ASN A 48 -8.22 14.02 -0.98
CA ASN A 48 -7.75 13.86 -2.35
C ASN A 48 -6.25 14.05 -2.54
N SER A 49 -5.76 15.25 -2.25
CA SER A 49 -4.34 15.57 -2.39
C SER A 49 -3.68 15.71 -1.03
N PRO A 50 -2.72 14.84 -0.70
CA PRO A 50 -2.08 15.00 0.62
C PRO A 50 -1.27 16.29 0.69
N GLU A 51 -0.73 16.70 -0.45
CA GLU A 51 0.12 17.88 -0.52
C GLU A 51 -0.63 19.21 -0.41
N TYR A 52 -1.80 19.29 -1.04
CA TYR A 52 -2.57 20.53 -1.06
C TYR A 52 -3.86 20.58 -0.29
N ASN A 53 -4.27 19.45 0.28
CA ASN A 53 -5.51 19.44 1.05
C ASN A 53 -5.39 18.65 2.34
N ARG A 54 -4.31 18.87 3.09
CA ARG A 54 -4.14 18.20 4.37
C ARG A 54 -5.19 18.85 5.26
N VAL A 55 -5.84 18.05 6.11
CA VAL A 55 -6.89 18.55 6.99
C VAL A 55 -6.42 18.82 8.42
N THR A 56 -5.61 17.93 8.97
CA THR A 56 -5.08 18.13 10.31
C THR A 56 -3.56 18.01 10.21
N LYS A 57 -2.84 18.67 11.11
CA LYS A 57 -1.38 18.68 11.06
C LYS A 57 -0.65 17.45 11.53
N PHE A 58 0.63 17.37 11.19
CA PHE A 58 1.48 16.27 11.60
C PHE A 58 2.93 16.72 11.66
N ARG A 59 3.56 16.51 12.82
CA ARG A 59 4.97 16.86 13.02
C ARG A 59 5.64 15.48 12.89
N PRO A 60 6.21 15.20 11.72
CA PRO A 60 6.87 13.92 11.44
C PRO A 60 8.28 13.69 11.94
N ASN A 61 8.68 12.42 11.87
CA ASN A 61 10.03 12.01 12.23
C ASN A 61 10.49 12.47 13.61
N ALA A 62 9.58 12.45 14.58
CA ALA A 62 9.91 12.86 15.95
C ALA A 62 9.68 11.67 16.89
N THR A 63 10.09 11.82 18.15
CA THR A 63 9.93 10.74 19.13
C THR A 63 8.47 10.42 19.45
N PHE A 64 7.59 11.39 19.21
CA PHE A 64 6.16 11.22 19.41
C PHE A 64 5.50 11.47 18.06
N ASP A 65 4.39 10.79 17.79
CA ASP A 65 3.70 11.00 16.53
C ASP A 65 2.50 11.91 16.82
N ARG A 66 2.76 13.21 16.80
CA ARG A 66 1.75 14.22 17.09
C ARG A 66 1.68 15.30 16.01
N PRO A 67 0.56 16.03 15.92
CA PRO A 67 -0.61 15.82 16.77
C PRO A 67 -1.41 14.62 16.23
N GLY A 68 -2.63 14.45 16.71
CA GLY A 68 -3.45 13.34 16.26
C GLY A 68 -4.92 13.64 16.46
N HIS A 69 -5.72 12.59 16.50
CA HIS A 69 -7.16 12.72 16.71
C HIS A 69 -7.39 12.12 18.09
N TYR A 70 -7.31 12.99 19.11
CA TYR A 70 -7.41 12.57 20.50
C TYR A 70 -8.69 12.89 21.25
N VAL A 71 -9.02 12.00 22.18
CA VAL A 71 -10.16 12.19 23.07
C VAL A 71 -9.58 12.06 24.48
N TYR A 72 -9.69 13.14 25.25
CA TYR A 72 -9.20 13.15 26.62
C TYR A 72 -10.38 12.95 27.56
N LEU A 73 -10.22 12.10 28.56
CA LEU A 73 -11.27 11.89 29.54
C LEU A 73 -10.74 12.43 30.86
N ARG A 74 -11.62 13.02 31.66
CA ARG A 74 -11.24 13.61 32.93
C ARG A 74 -12.25 13.27 34.00
N ASP A 75 -11.77 12.88 35.17
CA ASP A 75 -12.64 12.58 36.31
C ASP A 75 -12.78 13.95 36.98
N ASP A 76 -13.96 14.54 36.89
CA ASP A 76 -14.16 15.85 37.47
C ASP A 76 -14.21 15.92 38.99
N ASP A 77 -14.17 14.77 39.65
CA ASP A 77 -14.17 14.74 41.11
C ASP A 77 -12.73 14.81 41.62
N SER A 78 -11.81 14.21 40.86
CA SER A 78 -10.40 14.18 41.25
C SER A 78 -9.48 15.05 40.42
N GLY A 79 -9.89 15.34 39.18
CA GLY A 79 -9.07 16.16 38.32
C GLY A 79 -8.12 15.30 37.48
N ASP A 80 -8.15 14.00 37.71
CA ASP A 80 -7.29 13.08 36.97
C ASP A 80 -7.77 13.00 35.52
N TYR A 81 -6.83 12.86 34.59
CA TYR A 81 -7.20 12.78 33.19
C TYR A 81 -6.31 11.81 32.42
N TRP A 82 -6.83 11.31 31.31
CA TRP A 82 -6.12 10.36 30.49
C TRP A 82 -6.74 10.37 29.09
N SER A 83 -6.04 9.79 28.12
CA SER A 83 -6.59 9.74 26.77
C SER A 83 -7.05 8.32 26.47
N ILE A 84 -7.98 8.18 25.52
CA ILE A 84 -8.47 6.84 25.19
C ILE A 84 -7.34 6.09 24.51
N SER A 85 -6.54 6.80 23.72
CA SER A 85 -5.37 6.23 23.10
C SER A 85 -4.34 6.41 24.23
N TRP A 86 -3.33 5.55 24.31
CA TRP A 86 -2.33 5.66 25.38
C TRP A 86 -1.70 7.06 25.34
N GLN A 87 -0.98 7.36 24.26
CA GLN A 87 -0.41 8.69 24.09
C GLN A 87 -1.64 9.52 23.71
N PRO A 88 -1.59 10.84 23.91
CA PRO A 88 -0.50 11.66 24.44
C PRO A 88 -0.36 11.77 25.96
N VAL A 89 -1.42 11.46 26.71
CA VAL A 89 -1.32 11.59 28.17
C VAL A 89 -0.36 10.55 28.75
N ALA A 90 -0.35 9.36 28.14
CA ALA A 90 0.55 8.28 28.55
C ALA A 90 0.43 7.83 30.00
N LYS A 91 -0.79 7.50 30.42
CA LYS A 91 -1.00 7.02 31.78
C LYS A 91 -0.18 5.75 31.95
N SER A 92 0.37 5.55 33.16
CA SER A 92 1.18 4.37 33.45
C SER A 92 0.53 3.08 32.99
N LEU A 93 1.28 2.24 32.29
CA LEU A 93 0.76 0.97 31.81
C LEU A 93 0.57 -0.03 32.94
N ASP A 94 0.94 0.37 34.16
CA ASP A 94 0.76 -0.48 35.33
C ASP A 94 -0.58 -0.14 35.95
N GLU A 95 -1.18 0.96 35.48
CA GLU A 95 -2.46 1.44 35.99
C GLU A 95 -3.58 1.34 34.95
N ALA A 96 -3.25 1.62 33.70
CA ALA A 96 -4.25 1.57 32.63
C ALA A 96 -3.95 0.48 31.61
N GLN A 97 -5.01 -0.17 31.14
CA GLN A 97 -4.89 -1.22 30.15
C GLN A 97 -5.42 -0.70 28.82
N TYR A 98 -4.59 -0.76 27.80
CA TYR A 98 -4.96 -0.27 26.48
C TYR A 98 -5.00 -1.39 25.44
N GLN A 99 -5.89 -1.26 24.48
CA GLN A 99 -6.01 -2.22 23.39
C GLN A 99 -6.39 -1.45 22.14
N ILE A 100 -5.76 -1.79 21.03
CA ILE A 100 -6.06 -1.16 19.77
C ILE A 100 -6.30 -2.25 18.75
N ARG A 101 -7.41 -2.15 18.03
CA ARG A 101 -7.73 -3.11 17.00
C ARG A 101 -7.75 -2.41 15.66
N HIS A 102 -6.76 -2.68 14.84
CA HIS A 102 -6.72 -2.09 13.50
C HIS A 102 -7.48 -3.05 12.61
N GLY A 103 -8.51 -2.53 11.94
CA GLY A 103 -9.30 -3.35 11.04
C GLY A 103 -9.20 -2.75 9.63
N LEU A 104 -9.96 -3.31 8.70
CA LEU A 104 -9.93 -2.80 7.33
C LEU A 104 -10.77 -1.54 7.22
N SER A 105 -10.08 -0.40 7.17
CA SER A 105 -10.68 0.93 7.07
C SER A 105 -11.32 1.44 8.36
N TYR A 106 -10.85 0.94 9.49
CA TYR A 106 -11.31 1.40 10.80
C TYR A 106 -10.33 0.97 11.87
N SER A 107 -10.30 1.71 12.97
CA SER A 107 -9.43 1.40 14.09
C SER A 107 -10.20 1.62 15.39
N LYS A 108 -10.15 0.62 16.26
CA LYS A 108 -10.83 0.66 17.55
C LYS A 108 -9.82 0.85 18.67
N PHE A 109 -10.05 1.86 19.50
CA PHE A 109 -9.16 2.16 20.62
C PHE A 109 -9.93 1.88 21.91
N GLN A 110 -9.28 1.27 22.87
CA GLN A 110 -9.92 0.93 24.13
C GLN A 110 -9.00 1.21 25.30
N CYS A 111 -9.58 1.72 26.39
CA CYS A 111 -8.82 2.01 27.60
C CYS A 111 -9.64 1.68 28.83
N ASP A 112 -9.07 0.87 29.70
CA ASP A 112 -9.73 0.49 30.95
C ASP A 112 -8.82 1.06 32.02
N TYR A 113 -9.33 2.04 32.77
CA TYR A 113 -8.53 2.69 33.78
C TYR A 113 -9.33 3.20 34.97
N ASN A 114 -8.90 2.80 36.15
CA ASN A 114 -9.51 3.20 37.41
C ASN A 114 -11.04 3.29 37.43
N GLY A 115 -11.70 2.24 36.99
CA GLY A 115 -13.15 2.21 37.02
C GLY A 115 -13.90 2.77 35.84
N ILE A 116 -13.18 3.23 34.81
CA ILE A 116 -13.83 3.78 33.64
C ILE A 116 -13.39 3.01 32.39
N HIS A 117 -14.37 2.51 31.64
CA HIS A 117 -14.11 1.78 30.41
C HIS A 117 -14.47 2.72 29.27
N ALA A 118 -13.56 2.90 28.33
CA ALA A 118 -13.81 3.79 27.21
C ALA A 118 -13.36 3.18 25.90
N ARG A 119 -14.17 3.38 24.86
CA ARG A 119 -13.87 2.85 23.54
C ARG A 119 -14.05 3.98 22.53
N LYS A 120 -13.17 4.01 21.53
CA LYS A 120 -13.25 5.03 20.49
C LYS A 120 -12.95 4.36 19.16
N THR A 121 -13.91 4.41 18.24
CA THR A 121 -13.72 3.84 16.91
C THR A 121 -13.61 4.95 15.89
N LEU A 122 -12.49 4.99 15.18
CA LEU A 122 -12.29 6.01 14.16
C LEU A 122 -12.45 5.35 12.80
N PHE A 123 -13.29 5.93 11.95
CA PHE A 123 -13.48 5.39 10.62
C PHE A 123 -14.11 6.45 9.72
N VAL A 124 -13.78 6.38 8.44
CA VAL A 124 -14.30 7.32 7.46
C VAL A 124 -15.43 6.59 6.73
N PRO A 125 -16.68 7.01 6.97
CA PRO A 125 -17.85 6.40 6.34
C PRO A 125 -17.94 6.64 4.84
N LYS A 126 -18.42 5.64 4.12
CA LYS A 126 -18.58 5.78 2.68
C LYS A 126 -19.68 6.80 2.45
N GLY A 127 -19.49 7.65 1.44
CA GLY A 127 -20.50 8.64 1.13
C GLY A 127 -20.29 10.00 1.78
N GLU A 128 -19.35 10.09 2.71
CA GLU A 128 -19.07 11.37 3.37
C GLU A 128 -17.58 11.65 3.33
N ASP A 129 -17.22 12.91 3.39
CA ASP A 129 -15.82 13.31 3.38
C ASP A 129 -15.55 13.75 4.81
N ALA A 130 -15.58 12.76 5.72
CA ALA A 130 -15.38 13.04 7.14
C ALA A 130 -14.97 11.79 7.87
N GLU A 131 -14.52 11.97 9.11
CA GLU A 131 -14.09 10.87 9.95
C GLU A 131 -14.96 10.88 11.21
N ILE A 132 -15.57 9.73 11.51
CA ILE A 132 -16.42 9.60 12.68
C ILE A 132 -15.60 9.06 13.86
N TRP A 133 -15.80 9.65 15.04
CA TRP A 133 -15.12 9.19 16.25
C TRP A 133 -16.27 8.66 17.11
N ASP A 134 -16.52 7.36 17.04
CA ASP A 134 -17.61 6.73 17.80
C ASP A 134 -17.10 6.42 19.20
N VAL A 135 -17.54 7.19 20.18
CA VAL A 135 -17.07 7.04 21.56
C VAL A 135 -18.09 6.44 22.51
N VAL A 136 -17.64 5.50 23.34
CA VAL A 136 -18.48 4.86 24.34
C VAL A 136 -17.76 4.95 25.67
N ILE A 137 -18.44 5.47 26.69
CA ILE A 137 -17.87 5.57 28.02
C ILE A 137 -18.75 4.80 28.99
N LYS A 138 -18.15 3.87 29.73
CA LYS A 138 -18.91 3.08 30.69
C LYS A 138 -18.29 3.15 32.08
N ASN A 139 -19.14 3.34 33.08
CA ASN A 139 -18.69 3.42 34.45
C ASN A 139 -18.72 1.99 35.00
N THR A 140 -17.54 1.39 35.13
CA THR A 140 -17.46 0.02 35.64
C THR A 140 -17.15 -0.03 37.13
N SER A 141 -17.17 1.13 37.79
CA SER A 141 -16.90 1.19 39.22
C SER A 141 -18.20 1.03 40.00
N ASP A 142 -18.10 0.97 41.33
CA ASP A 142 -19.27 0.81 42.17
C ASP A 142 -19.85 2.13 42.69
N GLN A 143 -19.37 3.25 42.16
CA GLN A 143 -19.87 4.56 42.60
C GLN A 143 -20.19 5.45 41.41
N VAL A 144 -20.94 6.52 41.68
CA VAL A 144 -21.30 7.47 40.64
C VAL A 144 -20.02 8.20 40.21
N ARG A 145 -19.82 8.32 38.91
CA ARG A 145 -18.64 8.99 38.39
C ARG A 145 -19.07 10.16 37.50
N THR A 146 -18.28 11.23 37.51
CA THR A 146 -18.55 12.40 36.67
C THR A 146 -17.34 12.52 35.76
N ILE A 147 -17.54 12.23 34.49
CA ILE A 147 -16.46 12.24 33.51
C ILE A 147 -16.65 13.24 32.38
N SER A 148 -15.62 14.02 32.09
CA SER A 148 -15.68 14.99 31.01
C SER A 148 -14.88 14.47 29.83
N ALA A 149 -15.33 14.76 28.62
CA ALA A 149 -14.63 14.33 27.42
C ALA A 149 -14.24 15.56 26.61
N PHE A 150 -13.02 15.54 26.06
CA PHE A 150 -12.51 16.65 25.25
C PHE A 150 -11.92 16.08 23.98
N SER A 151 -12.24 16.69 22.84
CA SER A 151 -11.65 16.23 21.58
C SER A 151 -10.51 17.19 21.26
N PHE A 152 -9.63 16.76 20.36
CA PHE A 152 -8.54 17.63 19.91
C PHE A 152 -8.00 17.20 18.56
N VAL A 153 -7.86 18.19 17.69
CA VAL A 153 -7.25 18.04 16.37
C VAL A 153 -6.66 19.42 16.14
N GLU A 154 -5.53 19.49 15.46
CA GLU A 154 -4.94 20.77 15.13
C GLU A 154 -5.19 20.89 13.64
N PHE A 155 -5.96 21.90 13.24
CA PHE A 155 -6.29 22.09 11.84
C PHE A 155 -5.07 22.49 11.02
N SER A 156 -4.97 21.92 9.82
CA SER A 156 -3.88 22.19 8.90
C SER A 156 -4.18 23.44 8.07
N PHE A 157 -3.13 24.09 7.57
CA PHE A 157 -3.31 25.27 6.72
C PHE A 157 -3.54 24.80 5.28
N SER A 158 -3.75 23.49 5.14
CA SER A 158 -4.05 22.77 3.89
C SER A 158 -2.86 22.40 3.01
N HIS A 159 -1.96 23.33 2.77
CA HIS A 159 -0.77 23.00 1.99
C HIS A 159 0.28 22.55 3.00
N ILE A 160 0.83 21.36 2.79
CA ILE A 160 1.85 20.84 3.72
C ILE A 160 2.95 21.86 3.92
N GLN A 161 3.42 22.48 2.84
CA GLN A 161 4.48 23.45 2.96
C GLN A 161 4.08 24.62 3.87
N SER A 162 2.79 24.96 3.89
CA SER A 162 2.31 26.05 4.73
C SER A 162 2.28 25.67 6.21
N ASP A 163 2.27 24.38 6.50
CA ASP A 163 2.28 23.91 7.89
C ASP A 163 3.72 23.87 8.37
N ASN A 164 4.62 23.53 7.45
CA ASN A 164 6.04 23.39 7.75
C ASN A 164 6.86 24.68 7.70
N GLN A 165 6.43 25.62 6.87
CA GLN A 165 7.15 26.88 6.71
C GLN A 165 6.24 27.99 6.20
N ASN A 166 6.83 29.13 5.88
CA ASN A 166 6.10 30.29 5.37
C ASN A 166 4.97 30.72 6.30
N HIS A 167 5.22 30.62 7.59
CA HIS A 167 4.22 31.00 8.60
C HIS A 167 3.92 32.49 8.57
N GLN A 168 4.81 33.27 7.96
CA GLN A 168 4.60 34.71 7.85
C GLN A 168 3.30 34.92 7.07
N MET A 169 2.91 33.92 6.31
CA MET A 169 1.68 33.95 5.53
C MET A 169 0.61 33.07 6.16
N SER A 170 0.93 31.80 6.40
CA SER A 170 -0.05 30.86 6.94
C SER A 170 -0.66 31.19 8.30
N LEU A 171 0.10 31.84 9.19
CA LEU A 171 -0.44 32.18 10.51
C LEU A 171 -1.60 33.18 10.45
N TYR A 172 -1.83 33.75 9.27
CA TYR A 172 -2.91 34.72 9.12
C TYR A 172 -3.84 34.31 7.97
N SER A 173 -3.84 33.01 7.68
CA SER A 173 -4.62 32.47 6.57
C SER A 173 -5.90 31.71 6.94
N ALA A 174 -6.21 31.63 8.23
CA ALA A 174 -7.39 30.88 8.63
C ALA A 174 -8.03 31.41 9.90
N GLY A 175 -9.23 30.92 10.19
CA GLY A 175 -9.94 31.34 11.39
C GLY A 175 -10.96 30.32 11.83
N THR A 176 -11.40 30.44 13.07
CA THR A 176 -12.41 29.54 13.61
C THR A 176 -13.60 30.33 14.09
N ALA A 177 -14.77 29.70 14.03
CA ALA A 177 -16.01 30.31 14.48
C ALA A 177 -16.78 29.17 15.12
N TYR A 178 -17.70 29.51 16.02
CA TYR A 178 -18.45 28.47 16.71
C TYR A 178 -19.96 28.55 16.60
N ARG A 179 -20.57 27.40 16.39
CA ARG A 179 -22.02 27.25 16.34
C ARG A 179 -22.23 26.01 17.21
N PRO A 180 -23.40 25.87 17.83
CA PRO A 180 -23.67 24.70 18.69
C PRO A 180 -23.13 23.36 18.20
N GLY A 181 -22.19 22.81 18.97
CA GLY A 181 -21.57 21.52 18.65
C GLY A 181 -20.79 21.50 17.35
N LEU A 182 -20.26 22.65 16.96
CA LEU A 182 -19.53 22.72 15.71
C LEU A 182 -18.49 23.83 15.65
N ILE A 183 -17.23 23.43 15.50
CA ILE A 183 -16.16 24.40 15.36
C ILE A 183 -15.95 24.47 13.85
N GLU A 184 -16.16 25.64 13.27
CA GLU A 184 -15.98 25.80 11.84
C GLU A 184 -14.64 26.44 11.53
N TYR A 185 -13.84 25.75 10.74
CA TYR A 185 -12.51 26.22 10.38
C TYR A 185 -12.52 26.76 8.95
N ASP A 186 -12.20 28.03 8.80
CA ASP A 186 -12.19 28.67 7.49
C ASP A 186 -10.78 28.93 6.96
N LEU A 187 -10.48 28.35 5.80
CA LEU A 187 -9.20 28.58 5.14
C LEU A 187 -9.60 29.84 4.36
N TYR A 188 -9.26 30.99 4.92
CA TYR A 188 -9.65 32.27 4.34
C TYR A 188 -9.28 32.54 2.88
N TYR A 189 -8.14 32.04 2.43
CA TYR A 189 -7.73 32.27 1.06
C TYR A 189 -8.30 31.26 0.06
N ASN A 190 -9.03 30.27 0.57
CA ASN A 190 -9.65 29.28 -0.30
C ASN A 190 -11.15 29.57 -0.26
N THR A 191 -11.64 30.19 -1.32
CA THR A 191 -13.05 30.57 -1.39
C THR A 191 -14.05 29.46 -1.67
N ASP A 192 -13.58 28.27 -2.03
CA ASP A 192 -14.51 27.17 -2.29
C ASP A 192 -15.21 26.83 -0.98
N ASP A 193 -16.54 26.88 -0.99
CA ASP A 193 -17.30 26.58 0.22
C ASP A 193 -17.13 25.15 0.71
N PHE A 194 -16.65 24.26 -0.16
CA PHE A 194 -16.43 22.89 0.24
C PHE A 194 -15.00 22.67 0.69
N GLU A 195 -14.05 22.76 -0.25
CA GLU A 195 -12.65 22.53 0.06
C GLU A 195 -11.99 23.56 0.96
N GLY A 196 -12.54 24.76 1.01
CA GLY A 196 -11.96 25.81 1.83
C GLY A 196 -12.50 25.92 3.26
N PHE A 197 -13.16 24.86 3.74
CA PHE A 197 -13.71 24.84 5.09
C PHE A 197 -13.60 23.45 5.71
N TYR A 198 -13.16 23.38 6.96
CA TYR A 198 -13.09 22.10 7.68
C TYR A 198 -13.92 22.32 8.92
N TYR A 199 -14.10 21.26 9.71
CA TYR A 199 -14.88 21.39 10.94
C TYR A 199 -14.65 20.20 11.86
N LEU A 200 -15.00 20.38 13.12
CA LEU A 200 -14.93 19.32 14.12
C LEU A 200 -16.24 19.55 14.85
N ALA A 201 -17.11 18.55 14.80
CA ALA A 201 -18.42 18.66 15.42
C ALA A 201 -18.63 17.55 16.45
N SER A 202 -19.67 17.71 17.26
CA SER A 202 -20.00 16.71 18.29
C SER A 202 -21.50 16.46 18.27
N THR A 203 -21.92 15.22 18.51
CA THR A 203 -23.33 14.90 18.51
C THR A 203 -23.99 15.45 19.77
N PHE A 204 -23.20 15.66 20.81
CA PHE A 204 -23.71 16.23 22.06
C PHE A 204 -23.67 17.75 21.98
N ASP A 205 -24.44 18.42 22.83
CA ASP A 205 -24.41 19.88 22.86
C ASP A 205 -23.31 20.18 23.88
N PRO A 206 -22.19 20.76 23.43
CA PRO A 206 -21.03 21.09 24.28
C PRO A 206 -21.28 21.96 25.51
N ASP A 207 -20.41 21.79 26.51
CA ASP A 207 -20.44 22.60 27.71
C ASP A 207 -19.42 23.71 27.48
N SER A 208 -18.39 23.41 26.68
CA SER A 208 -17.35 24.39 26.35
C SER A 208 -16.64 23.97 25.07
N TYR A 209 -15.86 24.89 24.49
CA TYR A 209 -15.13 24.61 23.26
C TYR A 209 -13.88 25.46 23.16
N ASP A 210 -12.99 25.08 22.24
CA ASP A 210 -11.78 25.85 21.99
C ASP A 210 -11.39 25.69 20.52
N GLY A 211 -11.19 26.83 19.86
CA GLY A 211 -10.81 26.83 18.47
C GLY A 211 -9.36 27.30 18.32
N GLN A 212 -8.81 27.87 19.38
CA GLN A 212 -7.42 28.34 19.37
C GLN A 212 -6.51 27.33 20.07
N ARG A 213 -5.54 26.81 19.32
CA ARG A 213 -4.62 25.82 19.85
C ARG A 213 -3.90 26.29 21.11
N ASP A 214 -3.42 27.53 21.10
CA ASP A 214 -2.71 28.05 22.25
C ASP A 214 -3.55 28.18 23.50
N ARG A 215 -4.86 28.28 23.35
CA ARG A 215 -5.74 28.38 24.51
C ARG A 215 -6.08 26.99 25.05
N PHE A 216 -6.30 26.03 24.16
CA PHE A 216 -6.61 24.67 24.58
C PHE A 216 -5.40 24.01 25.24
N LEU A 217 -4.25 24.07 24.56
CA LEU A 217 -3.04 23.47 25.11
C LEU A 217 -2.47 24.32 26.24
N GLY A 218 -2.47 25.64 26.06
CA GLY A 218 -1.92 26.50 27.09
C GLY A 218 -0.44 26.74 26.90
N LEU A 219 0.09 27.75 27.58
CA LEU A 219 1.49 28.10 27.47
C LEU A 219 2.44 27.07 28.07
N TYR A 220 3.49 26.73 27.32
CA TYR A 220 4.50 25.77 27.76
C TYR A 220 3.93 24.41 28.14
N ARG A 221 2.96 23.97 27.35
CA ARG A 221 2.31 22.67 27.51
C ARG A 221 2.13 22.13 26.10
N ASP A 222 1.84 20.84 25.98
CA ASP A 222 1.58 20.27 24.67
C ASP A 222 0.45 19.27 24.77
N GLU A 223 0.30 18.41 23.76
CA GLU A 223 -0.78 17.45 23.75
C GLU A 223 -0.81 16.51 24.95
N ALA A 224 0.32 16.36 25.63
CA ALA A 224 0.37 15.47 26.79
C ALA A 224 -0.35 16.05 28.01
N ASN A 225 -0.43 17.38 28.10
CA ASN A 225 -1.07 18.02 29.25
C ASN A 225 -1.78 19.32 28.94
N PRO A 226 -2.84 19.26 28.12
CA PRO A 226 -3.59 20.47 27.73
C PRO A 226 -4.15 21.23 28.94
N LEU A 227 -3.98 22.54 28.94
CA LEU A 227 -4.49 23.37 30.02
C LEU A 227 -5.99 23.16 30.21
N ALA A 228 -6.72 23.14 29.09
CA ALA A 228 -8.17 22.97 29.12
C ALA A 228 -8.57 21.67 29.82
N VAL A 229 -7.86 20.60 29.51
CA VAL A 229 -8.14 19.30 30.11
C VAL A 229 -7.78 19.30 31.59
N GLU A 230 -6.62 19.87 31.93
CA GLU A 230 -6.22 19.92 33.32
C GLU A 230 -7.21 20.72 34.17
N GLN A 231 -7.63 21.89 33.68
CA GLN A 231 -8.56 22.72 34.44
C GLN A 231 -10.01 22.24 34.35
N GLY A 232 -10.29 21.35 33.41
CA GLY A 232 -11.63 20.82 33.28
C GLY A 232 -12.63 21.61 32.47
N ARG A 233 -12.15 22.52 31.62
CA ARG A 233 -13.04 23.33 30.80
C ARG A 233 -12.26 24.09 29.75
N CYS A 234 -12.87 24.26 28.56
CA CYS A 234 -12.22 25.01 27.49
C CYS A 234 -12.44 26.50 27.73
N SER A 235 -11.75 27.34 26.96
CA SER A 235 -11.85 28.78 27.12
C SER A 235 -12.81 29.42 26.12
N ASN A 236 -13.52 28.60 25.36
CA ASN A 236 -14.47 29.08 24.37
C ASN A 236 -13.83 30.07 23.40
N SER A 237 -12.63 29.72 22.95
CA SER A 237 -11.87 30.54 22.02
C SER A 237 -12.27 30.28 20.57
N ALA A 238 -12.23 31.34 19.78
CA ALA A 238 -12.55 31.29 18.36
C ALA A 238 -12.18 32.65 17.82
N GLN A 239 -11.32 32.68 16.81
CA GLN A 239 -10.88 33.95 16.24
C GLN A 239 -10.15 33.69 14.94
N THR A 240 -9.76 34.77 14.28
CA THR A 240 -9.00 34.65 13.04
C THR A 240 -7.52 34.73 13.41
N CYS A 241 -6.70 34.02 12.63
CA CYS A 241 -5.25 34.00 12.80
C CYS A 241 -4.69 33.07 13.86
N TYR A 242 -3.40 32.78 13.70
CA TYR A 242 -2.63 31.90 14.57
C TYR A 242 -3.05 30.44 14.35
N ASN A 243 -2.69 29.55 15.27
CA ASN A 243 -3.01 28.13 15.09
C ASN A 243 -4.34 27.70 15.66
N HIS A 244 -5.11 26.97 14.86
CA HIS A 244 -6.44 26.54 15.27
C HIS A 244 -6.59 25.07 15.59
N CYS A 245 -7.57 24.76 16.43
CA CYS A 245 -7.83 23.39 16.82
C CYS A 245 -9.34 23.12 16.89
N GLY A 246 -9.70 21.85 17.02
CA GLY A 246 -11.10 21.49 17.11
C GLY A 246 -11.35 20.75 18.41
N SER A 247 -11.67 21.49 19.47
CA SER A 247 -11.92 20.89 20.78
C SER A 247 -13.33 21.17 21.29
N LEU A 248 -14.08 20.09 21.50
CA LEU A 248 -15.45 20.18 22.01
C LEU A 248 -15.50 19.34 23.29
N HIS A 249 -16.06 19.93 24.34
CA HIS A 249 -16.12 19.31 25.66
C HIS A 249 -17.53 19.12 26.23
N LYS A 250 -17.73 18.01 26.92
CA LYS A 250 -19.00 17.72 27.55
C LYS A 250 -18.78 16.90 28.81
N GLN A 251 -19.49 17.26 29.88
CA GLN A 251 -19.38 16.54 31.14
C GLN A 251 -20.55 15.56 31.24
N PHE A 252 -20.27 14.36 31.74
CA PHE A 252 -21.30 13.34 31.89
C PHE A 252 -21.32 12.79 33.31
N THR A 253 -22.51 12.47 33.80
CA THR A 253 -22.63 11.89 35.13
C THR A 253 -23.09 10.45 34.89
N LEU A 254 -22.29 9.50 35.33
CA LEU A 254 -22.59 8.09 35.12
C LEU A 254 -22.84 7.29 36.39
N GLN A 255 -23.98 6.61 36.44
CA GLN A 255 -24.31 5.78 37.57
C GLN A 255 -23.48 4.52 37.41
N PRO A 256 -23.25 3.78 38.52
CA PRO A 256 -22.45 2.56 38.40
C PRO A 256 -23.01 1.66 37.29
N GLY A 257 -22.13 1.19 36.42
CA GLY A 257 -22.54 0.32 35.34
C GLY A 257 -23.18 1.01 34.13
N GLU A 258 -23.42 2.31 34.25
CA GLU A 258 -24.04 3.05 33.15
C GLU A 258 -23.03 3.42 32.06
N GLU A 259 -23.49 3.42 30.82
CA GLU A 259 -22.63 3.78 29.70
C GLU A 259 -23.34 4.74 28.78
N ILE A 260 -22.55 5.59 28.13
CA ILE A 260 -23.09 6.57 27.21
C ILE A 260 -22.35 6.46 25.89
N ARG A 261 -22.98 6.94 24.83
CA ARG A 261 -22.36 6.87 23.51
C ARG A 261 -22.61 8.18 22.81
N PHE A 262 -21.60 8.68 22.12
CA PHE A 262 -21.71 9.93 21.37
C PHE A 262 -20.59 9.92 20.34
N ALA A 263 -20.57 10.92 19.48
CA ALA A 263 -19.54 10.96 18.46
C ALA A 263 -19.04 12.35 18.13
N TYR A 264 -17.80 12.39 17.65
CA TYR A 264 -17.18 13.62 17.20
C TYR A 264 -17.09 13.34 15.71
N ILE A 265 -17.08 14.40 14.90
CA ILE A 265 -16.94 14.24 13.46
C ILE A 265 -15.97 15.29 12.93
N LEU A 266 -14.92 14.82 12.27
CA LEU A 266 -13.93 15.70 11.67
C LEU A 266 -14.24 15.66 10.17
N GLY A 267 -14.48 16.81 9.55
CA GLY A 267 -14.81 16.77 8.14
C GLY A 267 -14.53 18.03 7.33
N ILE A 268 -14.93 17.97 6.07
CA ILE A 268 -14.72 19.08 5.14
C ILE A 268 -16.01 19.62 4.52
N GLY A 269 -16.03 20.93 4.28
CA GLY A 269 -17.19 21.54 3.65
C GLY A 269 -18.24 22.20 4.53
N LYS A 270 -18.66 23.40 4.16
CA LYS A 270 -19.69 24.11 4.91
C LYS A 270 -20.98 23.30 4.82
N GLY A 271 -21.79 23.38 5.86
CA GLY A 271 -23.06 22.67 5.87
C GLY A 271 -23.02 21.21 6.29
N ASN A 272 -21.91 20.52 6.04
CA ASN A 272 -21.82 19.11 6.38
C ASN A 272 -21.74 18.83 7.88
N GLY A 273 -21.06 19.70 8.61
CA GLY A 273 -20.92 19.49 10.04
C GLY A 273 -22.22 19.51 10.79
N GLU A 274 -23.04 20.53 10.53
CA GLU A 274 -24.33 20.66 11.20
C GLU A 274 -25.24 19.50 10.83
N ARG A 275 -25.10 19.03 9.60
CA ARG A 275 -25.91 17.91 9.12
C ARG A 275 -25.51 16.60 9.77
N LEU A 276 -24.22 16.28 9.75
CA LEU A 276 -23.75 15.02 10.31
C LEU A 276 -23.82 14.91 11.84
N ARG A 277 -23.63 16.02 12.57
CA ARG A 277 -23.71 15.94 14.02
C ARG A 277 -25.13 15.56 14.42
N GLU A 278 -26.09 15.99 13.61
CA GLU A 278 -27.49 15.71 13.85
C GLU A 278 -27.80 14.28 13.40
N HIS A 279 -27.30 13.91 12.23
CA HIS A 279 -27.52 12.58 11.66
C HIS A 279 -27.02 11.48 12.60
N TYR A 280 -25.82 11.66 13.16
CA TYR A 280 -25.25 10.66 14.04
C TYR A 280 -25.73 10.71 15.49
N GLN A 281 -26.68 11.60 15.79
CA GLN A 281 -27.22 11.66 17.16
C GLN A 281 -28.01 10.37 17.33
N ASP A 282 -28.44 9.81 16.21
CA ASP A 282 -29.15 8.53 16.21
C ASP A 282 -28.00 7.57 15.97
N VAL A 283 -27.52 6.94 17.03
CA VAL A 283 -26.38 6.03 16.91
C VAL A 283 -26.59 4.90 15.91
N ALA A 284 -27.85 4.63 15.56
CA ALA A 284 -28.13 3.58 14.59
C ALA A 284 -27.51 3.97 13.25
N ASN A 285 -27.43 5.28 12.99
CA ASN A 285 -26.83 5.75 11.74
C ASN A 285 -25.31 5.53 11.76
N ILE A 286 -24.72 5.54 12.95
CA ILE A 286 -23.28 5.29 13.07
C ILE A 286 -23.06 3.81 12.81
N ASP A 287 -23.88 2.97 13.43
CA ASP A 287 -23.77 1.53 13.24
C ASP A 287 -23.98 1.14 11.78
N ALA A 288 -24.91 1.81 11.12
CA ALA A 288 -25.19 1.53 9.71
C ALA A 288 -23.97 1.89 8.86
N ALA A 289 -23.36 3.03 9.18
CA ALA A 289 -22.18 3.48 8.46
C ALA A 289 -21.03 2.49 8.65
N PHE A 290 -20.85 2.02 9.89
CA PHE A 290 -19.80 1.07 10.17
C PHE A 290 -20.07 -0.24 9.43
N ALA A 291 -21.34 -0.65 9.39
CA ALA A 291 -21.71 -1.89 8.70
C ALA A 291 -21.35 -1.80 7.22
N ALA A 292 -21.47 -0.60 6.64
CA ALA A 292 -21.16 -0.41 5.23
C ALA A 292 -19.66 -0.61 5.00
N ILE A 293 -18.86 -0.22 5.99
CA ILE A 293 -17.41 -0.37 5.88
C ILE A 293 -17.04 -1.84 5.98
N LYS A 294 -17.75 -2.59 6.83
CA LYS A 294 -17.49 -4.02 6.96
C LYS A 294 -17.87 -4.70 5.64
N ALA A 295 -19.02 -4.29 5.09
CA ALA A 295 -19.51 -4.88 3.84
C ALA A 295 -18.55 -4.61 2.70
N HIS A 296 -18.01 -3.38 2.65
CA HIS A 296 -17.07 -2.97 1.62
C HIS A 296 -15.93 -3.99 1.48
N TRP A 297 -15.33 -4.38 2.61
CA TRP A 297 -14.24 -5.33 2.55
C TRP A 297 -14.68 -6.79 2.53
N ASP A 298 -15.86 -7.08 3.08
CA ASP A 298 -16.35 -8.46 3.04
C ASP A 298 -16.50 -8.84 1.57
N GLU A 299 -17.08 -7.94 0.79
CA GLU A 299 -17.30 -8.16 -0.63
C GLU A 299 -16.00 -8.39 -1.39
N ARG A 300 -14.99 -7.59 -1.07
CA ARG A 300 -13.68 -7.69 -1.71
C ARG A 300 -12.93 -8.95 -1.30
N CYS A 301 -12.88 -9.22 0.00
CA CYS A 301 -12.17 -10.41 0.48
C CYS A 301 -12.76 -11.70 -0.08
N ALA A 302 -14.09 -11.75 -0.20
CA ALA A 302 -14.77 -12.93 -0.69
C ALA A 302 -14.42 -13.35 -2.12
N LYS A 303 -13.87 -12.42 -2.91
CA LYS A 303 -13.55 -12.73 -4.29
C LYS A 303 -12.32 -13.61 -4.49
N PHE A 304 -11.54 -13.78 -3.42
CA PHE A 304 -10.38 -14.66 -3.44
C PHE A 304 -10.06 -15.05 -2.02
N GLN A 305 -10.37 -16.29 -1.67
CA GLN A 305 -10.10 -16.80 -0.34
C GLN A 305 -9.36 -18.11 -0.49
N VAL A 306 -8.37 -18.33 0.37
CA VAL A 306 -7.59 -19.55 0.30
C VAL A 306 -7.52 -20.27 1.63
N LYS A 307 -7.51 -21.59 1.57
CA LYS A 307 -7.39 -22.43 2.75
C LYS A 307 -6.25 -23.37 2.40
N SER A 308 -5.11 -23.18 3.07
CA SER A 308 -3.93 -24.00 2.80
C SER A 308 -3.27 -24.45 4.09
N PRO A 309 -2.18 -25.22 3.99
CA PRO A 309 -1.44 -25.72 5.16
C PRO A 309 -0.64 -24.60 5.83
N ASN A 310 -0.49 -23.47 5.14
CA ASN A 310 0.27 -22.34 5.64
C ASN A 310 -0.63 -21.26 6.22
N GLN A 311 -0.73 -21.21 7.55
CA GLN A 311 -1.59 -20.23 8.21
C GLN A 311 -1.17 -18.79 7.95
N GLY A 312 0.14 -18.56 7.89
CA GLY A 312 0.62 -17.21 7.63
C GLY A 312 0.19 -16.71 6.27
N LEU A 313 0.26 -17.60 5.28
CA LEU A 313 -0.13 -17.25 3.93
C LEU A 313 -1.63 -16.96 3.89
N ASP A 314 -2.42 -17.86 4.45
CA ASP A 314 -3.86 -17.70 4.48
C ASP A 314 -4.28 -16.38 5.15
N THR A 315 -3.73 -16.12 6.33
CA THR A 315 -4.06 -14.90 7.06
C THR A 315 -3.80 -13.64 6.26
N MET A 316 -2.65 -13.60 5.60
CA MET A 316 -2.28 -12.42 4.82
C MET A 316 -3.03 -12.29 3.49
N ILE A 317 -3.12 -13.38 2.74
CA ILE A 317 -3.80 -13.33 1.45
C ILE A 317 -5.30 -13.08 1.59
N ASN A 318 -5.90 -13.68 2.61
CA ASN A 318 -7.33 -13.52 2.81
C ASN A 318 -7.76 -12.15 3.33
N ALA A 319 -6.79 -11.33 3.76
CA ALA A 319 -7.14 -10.02 4.27
C ALA A 319 -6.06 -8.94 4.17
N TRP A 320 -5.05 -9.02 5.02
CA TRP A 320 -4.00 -8.01 5.08
C TRP A 320 -3.23 -7.60 3.84
N THR A 321 -2.83 -8.55 3.00
CA THR A 321 -2.07 -8.19 1.81
C THR A 321 -2.98 -7.64 0.71
N LEU A 322 -4.21 -8.14 0.66
CA LEU A 322 -5.18 -7.63 -0.30
C LEU A 322 -5.44 -6.17 0.06
N TYR A 323 -5.64 -5.95 1.35
CA TYR A 323 -5.90 -4.63 1.93
C TYR A 323 -4.76 -3.66 1.63
N GLN A 324 -3.53 -4.08 1.89
CA GLN A 324 -2.37 -3.23 1.64
C GLN A 324 -2.25 -2.92 0.16
N ALA A 325 -2.43 -3.93 -0.67
CA ALA A 325 -2.34 -3.77 -2.12
C ALA A 325 -3.39 -2.80 -2.63
N GLU A 326 -4.64 -2.98 -2.24
CA GLU A 326 -5.68 -2.07 -2.71
C GLU A 326 -5.48 -0.67 -2.15
N THR A 327 -4.90 -0.57 -0.96
CA THR A 327 -4.65 0.74 -0.37
C THR A 327 -3.70 1.51 -1.28
N CYS A 328 -2.69 0.81 -1.81
CA CYS A 328 -1.73 1.45 -2.70
C CYS A 328 -2.41 1.93 -3.98
N VAL A 329 -3.28 1.09 -4.54
CA VAL A 329 -3.98 1.44 -5.77
C VAL A 329 -4.92 2.64 -5.57
N VAL A 330 -5.61 2.65 -4.44
CA VAL A 330 -6.55 3.74 -4.16
C VAL A 330 -5.88 5.04 -3.73
N TRP A 331 -5.01 4.97 -2.73
CA TRP A 331 -4.37 6.16 -2.18
C TRP A 331 -2.98 6.52 -2.69
N SER A 332 -2.43 5.71 -3.58
CA SER A 332 -1.10 5.94 -4.14
C SER A 332 0.03 5.71 -3.13
N ARG A 333 1.18 6.34 -3.35
CA ARG A 333 2.34 6.11 -2.49
C ARG A 333 2.87 7.29 -1.70
N PHE A 334 2.14 8.40 -1.66
CA PHE A 334 2.68 9.58 -1.01
C PHE A 334 2.06 10.12 0.26
N ALA A 335 1.36 9.27 1.01
CA ALA A 335 0.76 9.71 2.26
C ALA A 335 0.89 8.64 3.33
N SER A 336 1.91 8.77 4.16
CA SER A 336 2.15 7.83 5.26
C SER A 336 2.84 8.61 6.38
N PHE A 337 3.60 7.91 7.23
CA PHE A 337 4.33 8.60 8.29
C PHE A 337 5.76 8.85 7.78
N ILE A 338 6.05 8.31 6.60
CA ILE A 338 7.37 8.47 5.97
C ILE A 338 7.25 9.47 4.82
N GLU A 339 6.18 9.32 4.01
CA GLU A 339 5.93 10.25 2.91
C GLU A 339 5.00 11.29 3.52
N VAL A 340 5.55 12.47 3.80
CA VAL A 340 4.80 13.53 4.44
C VAL A 340 4.95 14.89 3.77
N GLY A 341 5.24 14.90 2.47
CA GLY A 341 5.39 16.17 1.79
C GLY A 341 6.37 16.15 0.64
N GLY A 342 6.06 16.96 -0.38
CA GLY A 342 6.89 17.04 -1.56
C GLY A 342 6.25 16.28 -2.69
N ARG A 343 6.66 15.03 -2.86
CA ARG A 343 6.09 14.21 -3.92
C ARG A 343 4.62 13.94 -3.64
N THR A 344 3.81 14.05 -4.70
CA THR A 344 2.38 13.82 -4.58
C THR A 344 1.85 13.39 -5.95
N GLY A 345 0.67 12.79 -5.97
CA GLY A 345 0.09 12.34 -7.24
C GLY A 345 0.34 10.87 -7.46
N LEU A 346 0.83 10.52 -8.65
CA LEU A 346 1.12 9.13 -8.98
C LEU A 346 2.53 8.94 -9.52
N GLY A 347 3.20 7.88 -9.06
CA GLY A 347 4.52 7.54 -9.56
C GLY A 347 4.18 6.58 -10.68
N TYR A 348 4.67 6.84 -11.89
CA TYR A 348 4.34 5.99 -13.03
C TYR A 348 4.60 4.50 -12.84
N ARG A 349 5.84 4.13 -12.55
CA ARG A 349 6.16 2.71 -12.38
C ARG A 349 5.47 2.13 -11.15
N ASP A 350 5.30 2.93 -10.12
CA ASP A 350 4.66 2.44 -8.89
C ASP A 350 3.22 2.00 -9.13
N THR A 351 2.41 2.90 -9.65
CA THR A 351 1.01 2.58 -9.91
C THR A 351 0.83 1.60 -11.05
N ALA A 352 1.69 1.66 -12.05
CA ALA A 352 1.57 0.73 -13.17
C ALA A 352 1.68 -0.70 -12.63
N GLN A 353 2.60 -0.91 -11.69
CA GLN A 353 2.79 -2.22 -11.09
C GLN A 353 1.69 -2.54 -10.10
N ASP A 354 1.35 -1.58 -9.22
CA ASP A 354 0.30 -1.79 -8.23
C ASP A 354 -1.01 -2.23 -8.87
N ALA A 355 -1.37 -1.59 -9.97
CA ALA A 355 -2.63 -1.88 -10.66
C ALA A 355 -2.82 -3.28 -11.23
N ILE A 356 -1.78 -4.11 -11.21
CA ILE A 356 -1.92 -5.46 -11.74
C ILE A 356 -2.44 -6.39 -10.65
N SER A 357 -2.38 -5.93 -9.41
CA SER A 357 -2.74 -6.76 -8.26
C SER A 357 -4.17 -7.04 -7.84
N VAL A 358 -5.07 -6.07 -7.93
CA VAL A 358 -6.43 -6.34 -7.47
C VAL A 358 -7.61 -6.03 -8.41
N PRO A 359 -7.45 -6.31 -9.71
CA PRO A 359 -8.58 -6.02 -10.62
C PRO A 359 -9.78 -6.92 -10.35
N HIS A 360 -9.58 -8.00 -9.61
CA HIS A 360 -10.66 -8.93 -9.28
C HIS A 360 -11.53 -8.38 -8.17
N ALA A 361 -10.94 -7.56 -7.29
CA ALA A 361 -11.65 -6.98 -6.15
C ALA A 361 -12.14 -5.55 -6.38
N ASN A 362 -11.33 -4.74 -7.06
CA ASN A 362 -11.70 -3.36 -7.32
C ASN A 362 -11.37 -3.00 -8.77
N PRO A 363 -12.14 -3.53 -9.72
CA PRO A 363 -11.91 -3.25 -11.14
C PRO A 363 -12.10 -1.79 -11.52
N GLU A 364 -13.04 -1.11 -10.85
CA GLU A 364 -13.30 0.29 -11.17
C GLU A 364 -12.11 1.18 -10.87
N MET A 365 -11.49 0.99 -9.70
CA MET A 365 -10.34 1.82 -9.34
C MET A 365 -9.13 1.41 -10.18
N THR A 366 -9.03 0.12 -10.49
CA THR A 366 -7.94 -0.38 -11.30
C THR A 366 -8.01 0.26 -12.69
N ARG A 367 -9.22 0.33 -13.24
CA ARG A 367 -9.43 0.92 -14.55
C ARG A 367 -9.09 2.41 -14.51
N LYS A 368 -9.51 3.08 -13.43
CA LYS A 368 -9.25 4.50 -13.27
C LYS A 368 -7.75 4.79 -13.28
N ARG A 369 -6.99 4.04 -12.50
CA ARG A 369 -5.54 4.23 -12.44
C ARG A 369 -4.87 3.93 -13.78
N ILE A 370 -5.38 2.93 -14.49
CA ILE A 370 -4.82 2.58 -15.80
C ILE A 370 -5.07 3.73 -16.78
N VAL A 371 -6.26 4.31 -16.74
CA VAL A 371 -6.56 5.45 -17.61
C VAL A 371 -5.68 6.63 -17.20
N ASP A 372 -5.47 6.81 -15.89
CA ASP A 372 -4.60 7.90 -15.42
C ASP A 372 -3.22 7.75 -16.05
N LEU A 373 -2.69 6.53 -16.00
CA LEU A 373 -1.36 6.24 -16.53
C LEU A 373 -1.28 6.43 -18.05
N LEU A 374 -2.33 6.03 -18.75
CA LEU A 374 -2.35 6.19 -20.20
C LEU A 374 -2.37 7.68 -20.56
N ARG A 375 -3.06 8.46 -19.74
CA ARG A 375 -3.15 9.90 -19.95
C ARG A 375 -1.83 10.57 -19.58
N GLY A 376 -1.05 9.90 -18.74
CA GLY A 376 0.23 10.43 -18.31
C GLY A 376 1.39 9.95 -19.16
N GLN A 377 1.07 9.34 -20.30
CA GLN A 377 2.07 8.85 -21.23
C GLN A 377 2.18 9.83 -22.39
N VAL A 378 3.40 10.06 -22.88
CA VAL A 378 3.61 10.99 -24.00
C VAL A 378 3.64 10.23 -25.32
N LYS A 379 3.46 10.94 -26.43
CA LYS A 379 3.46 10.31 -27.75
C LYS A 379 4.70 9.47 -28.01
N ALA A 380 5.85 9.95 -27.53
CA ALA A 380 7.10 9.22 -27.72
C ALA A 380 6.97 7.79 -27.21
N GLY A 381 6.12 7.60 -26.21
CA GLY A 381 5.91 6.26 -25.67
C GLY A 381 6.23 6.07 -24.20
N TYR A 382 7.07 6.94 -23.63
CA TYR A 382 7.43 6.81 -22.22
C TYR A 382 6.40 7.51 -21.35
N GLY A 383 6.49 7.28 -20.04
CA GLY A 383 5.56 7.91 -19.14
C GLY A 383 6.20 8.98 -18.28
N LEU A 384 5.37 9.89 -17.76
CA LEU A 384 5.87 10.94 -16.88
C LEU A 384 6.15 10.25 -15.56
N HIS A 385 7.40 10.29 -15.12
CA HIS A 385 7.82 9.63 -13.89
C HIS A 385 6.92 9.91 -12.69
N LEU A 386 6.56 11.19 -12.51
CA LEU A 386 5.70 11.60 -11.40
C LEU A 386 4.75 12.67 -11.90
N PHE A 387 3.45 12.46 -11.71
CA PHE A 387 2.46 13.42 -12.17
C PHE A 387 1.18 13.37 -11.35
N ASP A 388 0.36 14.40 -11.50
CA ASP A 388 -0.93 14.47 -10.79
C ASP A 388 -2.01 14.11 -11.79
N PRO A 389 -2.72 12.98 -11.57
CA PRO A 389 -3.78 12.56 -12.49
C PRO A 389 -4.85 13.62 -12.72
N ASP A 390 -5.04 14.50 -11.74
CA ASP A 390 -6.04 15.55 -11.88
C ASP A 390 -5.64 16.51 -12.99
N TRP A 391 -4.35 16.56 -13.31
CA TRP A 391 -3.87 17.45 -14.37
C TRP A 391 -4.50 17.08 -15.71
N PHE A 392 -4.69 15.77 -15.92
CA PHE A 392 -5.23 15.26 -17.18
C PHE A 392 -6.67 14.77 -17.10
N ASP A 393 -7.33 15.02 -15.97
CA ASP A 393 -8.71 14.58 -15.79
C ASP A 393 -9.71 15.63 -16.27
N PRO A 394 -10.36 15.38 -17.43
CA PRO A 394 -11.34 16.31 -17.98
C PRO A 394 -12.56 16.47 -17.08
N ILE A 417 5.17 17.99 -18.06
CA ILE A 417 5.79 17.19 -19.16
C ILE A 417 7.30 17.36 -19.16
N HIS A 418 8.03 16.24 -19.02
CA HIS A 418 9.49 16.28 -19.02
C HIS A 418 10.05 15.65 -20.29
N GLY A 419 11.33 15.91 -20.55
CA GLY A 419 11.96 15.36 -21.74
C GLY A 419 12.61 14.02 -21.48
N ILE A 420 13.36 13.53 -22.47
CA ILE A 420 14.03 12.24 -22.35
C ILE A 420 15.11 12.19 -21.27
N LYS A 421 15.56 13.36 -20.82
CA LYS A 421 16.60 13.41 -19.80
C LYS A 421 16.08 12.97 -18.43
N ASP A 422 14.81 13.27 -18.16
CA ASP A 422 14.20 12.91 -16.89
C ASP A 422 13.35 11.66 -17.00
N THR A 423 13.46 10.97 -18.13
CA THR A 423 12.71 9.74 -18.36
C THR A 423 13.39 8.54 -17.70
N CYS A 424 12.59 7.67 -17.09
CA CYS A 424 13.11 6.46 -16.46
C CYS A 424 12.66 5.33 -17.38
N SER A 425 13.65 4.67 -17.98
CA SER A 425 13.43 3.61 -18.97
C SER A 425 12.49 2.44 -18.72
N ASP A 426 12.03 2.22 -17.49
CA ASP A 426 11.15 1.08 -17.24
C ASP A 426 9.69 1.42 -16.97
N ASP A 427 9.43 2.64 -16.49
CA ASP A 427 8.07 3.08 -16.16
C ASP A 427 6.94 2.60 -17.05
N HIS A 428 7.00 2.95 -18.34
CA HIS A 428 5.96 2.59 -19.30
C HIS A 428 5.76 1.10 -19.58
N LEU A 429 6.82 0.31 -19.49
CA LEU A 429 6.71 -1.12 -19.76
C LEU A 429 5.85 -1.90 -18.77
N TRP A 430 5.86 -1.50 -17.50
CA TRP A 430 5.06 -2.18 -16.50
C TRP A 430 3.58 -2.09 -16.82
N LEU A 431 3.19 -1.03 -17.53
CA LEU A 431 1.79 -0.83 -17.87
C LEU A 431 1.21 -1.91 -18.78
N ILE A 432 2.04 -2.47 -19.66
CA ILE A 432 1.56 -3.49 -20.60
C ILE A 432 0.97 -4.74 -19.93
N PRO A 433 1.73 -5.41 -19.06
CA PRO A 433 1.16 -6.61 -18.43
C PRO A 433 -0.07 -6.25 -17.60
N THR A 434 -0.06 -5.06 -17.02
CA THR A 434 -1.15 -4.60 -16.18
C THR A 434 -2.45 -4.40 -16.97
N ILE A 435 -2.34 -3.79 -18.15
CA ILE A 435 -3.53 -3.59 -18.97
C ILE A 435 -4.07 -4.93 -19.45
N CYS A 436 -3.18 -5.79 -19.91
CA CYS A 436 -3.60 -7.12 -20.37
C CYS A 436 -4.32 -7.84 -19.24
N LYS A 437 -3.77 -7.77 -18.03
CA LYS A 437 -4.40 -8.43 -16.88
C LYS A 437 -5.77 -7.84 -16.57
N TYR A 438 -5.89 -6.52 -16.65
CA TYR A 438 -7.17 -5.87 -16.37
C TYR A 438 -8.28 -6.39 -17.30
N VAL A 439 -7.97 -6.49 -18.59
CA VAL A 439 -8.95 -6.98 -19.55
C VAL A 439 -9.23 -8.47 -19.34
N MET A 440 -8.18 -9.23 -19.05
CA MET A 440 -8.35 -10.66 -18.79
C MET A 440 -9.33 -10.84 -17.64
N GLU A 441 -9.14 -10.05 -16.60
CA GLU A 441 -9.96 -10.13 -15.40
C GLU A 441 -11.41 -9.69 -15.60
N THR A 442 -11.61 -8.55 -16.25
CA THR A 442 -12.95 -8.01 -16.45
C THR A 442 -13.66 -8.42 -17.74
N GLY A 443 -12.88 -8.76 -18.76
CA GLY A 443 -13.46 -9.14 -20.03
C GLY A 443 -13.81 -7.92 -20.86
N GLU A 444 -13.38 -6.74 -20.41
CA GLU A 444 -13.67 -5.50 -21.14
C GLU A 444 -12.72 -5.34 -22.32
N THR A 445 -12.89 -6.19 -23.33
CA THR A 445 -12.03 -6.16 -24.51
C THR A 445 -12.18 -4.88 -25.32
N SER A 446 -13.30 -4.18 -25.16
CA SER A 446 -13.55 -2.94 -25.88
C SER A 446 -12.62 -1.83 -25.39
N PHE A 447 -12.00 -2.05 -24.24
CA PHE A 447 -11.09 -1.06 -23.66
C PHE A 447 -9.95 -0.74 -24.61
N PHE A 448 -9.48 -1.74 -25.36
CA PHE A 448 -8.38 -1.55 -26.29
C PHE A 448 -8.66 -0.52 -27.39
N ASP A 449 -9.94 -0.33 -27.70
CA ASP A 449 -10.33 0.61 -28.75
C ASP A 449 -10.60 2.02 -28.23
N GLN A 450 -10.60 2.18 -26.90
CA GLN A 450 -10.86 3.50 -26.33
C GLN A 450 -9.76 4.51 -26.66
N MET A 451 -10.18 5.69 -27.11
CA MET A 451 -9.25 6.75 -27.45
C MET A 451 -8.89 7.56 -26.21
N ILE A 452 -7.59 7.62 -25.93
CA ILE A 452 -7.10 8.37 -24.78
C ILE A 452 -6.02 9.35 -25.23
N PRO A 453 -6.11 10.61 -24.80
CA PRO A 453 -5.12 11.61 -25.18
C PRO A 453 -3.75 11.43 -24.54
N TYR A 454 -2.70 11.76 -25.28
CA TYR A 454 -1.35 11.65 -24.74
C TYR A 454 -1.13 12.90 -23.89
N ALA A 455 -0.24 12.79 -22.92
CA ALA A 455 0.04 13.91 -22.02
C ALA A 455 0.56 15.14 -22.75
N ASP A 456 1.25 14.94 -23.86
CA ASP A 456 1.82 16.05 -24.62
C ASP A 456 1.08 16.37 -25.93
N GLY A 457 -0.21 16.08 -25.97
CA GLY A 457 -0.99 16.38 -27.16
C GLY A 457 -1.25 15.21 -28.08
N GLY A 458 -2.42 15.21 -28.71
CA GLY A 458 -2.78 14.13 -29.60
C GLY A 458 -3.45 13.01 -28.84
N GLU A 459 -3.89 11.98 -29.56
CA GLU A 459 -4.56 10.84 -28.94
C GLU A 459 -4.34 9.58 -29.73
N ALA A 460 -4.66 8.44 -29.11
CA ALA A 460 -4.53 7.15 -29.74
C ALA A 460 -5.29 6.15 -28.90
N SER A 461 -5.61 5.00 -29.49
CA SER A 461 -6.33 3.96 -28.77
C SER A 461 -5.42 3.37 -27.71
N VAL A 462 -6.02 2.70 -26.73
CA VAL A 462 -5.25 2.06 -25.68
C VAL A 462 -4.25 1.10 -26.32
N TYR A 463 -4.71 0.39 -27.34
CA TYR A 463 -3.88 -0.56 -28.06
C TYR A 463 -2.64 0.13 -28.63
N GLU A 464 -2.84 1.28 -29.27
CA GLU A 464 -1.72 2.01 -29.84
C GLU A 464 -0.82 2.63 -28.77
N HIS A 465 -1.40 3.01 -27.63
CA HIS A 465 -0.61 3.56 -26.53
C HIS A 465 0.39 2.48 -26.14
N MET A 466 -0.09 1.24 -26.11
CA MET A 466 0.73 0.09 -25.75
C MET A 466 1.87 -0.14 -26.73
N LYS A 467 1.57 -0.07 -28.03
CA LYS A 467 2.60 -0.27 -29.04
C LYS A 467 3.65 0.83 -28.96
N ALA A 468 3.23 2.04 -28.58
CA ALA A 468 4.16 3.16 -28.48
C ALA A 468 5.18 2.89 -27.38
N ALA A 469 4.74 2.24 -26.31
CA ALA A 469 5.62 1.92 -25.19
C ALA A 469 6.62 0.84 -25.60
N LEU A 470 6.11 -0.21 -26.25
CA LEU A 470 6.96 -1.31 -26.68
C LEU A 470 8.01 -0.85 -27.69
N ASP A 471 7.60 0.03 -28.61
CA ASP A 471 8.52 0.53 -29.63
C ASP A 471 9.60 1.42 -29.04
N PHE A 472 9.25 2.19 -28.01
CA PHE A 472 10.21 3.08 -27.37
C PHE A 472 11.41 2.31 -26.82
N SER A 473 11.14 1.21 -26.13
CA SER A 473 12.19 0.41 -25.55
C SER A 473 13.03 -0.32 -26.61
N ALA A 474 12.43 -0.59 -27.76
CA ALA A 474 13.15 -1.26 -28.84
C ALA A 474 14.14 -0.26 -29.45
N GLU A 475 13.79 1.02 -29.40
CA GLU A 475 14.64 2.07 -29.94
C GLU A 475 15.77 2.43 -29.00
N TYR A 476 15.46 2.60 -27.72
CA TYR A 476 16.47 2.96 -26.74
C TYR A 476 17.25 1.78 -26.18
N VAL A 477 18.13 1.24 -27.01
CA VAL A 477 18.99 0.11 -26.64
C VAL A 477 20.41 0.46 -27.05
N GLY A 478 21.36 -0.35 -26.60
CA GLY A 478 22.76 -0.13 -26.94
C GLY A 478 23.10 -0.86 -28.22
N GLN A 479 24.37 -0.87 -28.60
CA GLN A 479 24.79 -1.54 -29.82
C GLN A 479 24.69 -3.05 -29.78
N THR A 480 24.55 -3.61 -28.58
CA THR A 480 24.43 -5.07 -28.46
C THR A 480 22.96 -5.48 -28.31
N GLY A 481 22.08 -4.49 -28.29
CA GLY A 481 20.65 -4.77 -28.18
C GLY A 481 20.06 -4.80 -26.79
N ILE A 482 20.74 -4.18 -25.82
CA ILE A 482 20.24 -4.16 -24.45
C ILE A 482 19.65 -2.78 -24.13
N CYS A 483 18.53 -2.75 -23.41
CA CYS A 483 17.87 -1.50 -23.05
C CYS A 483 18.70 -0.56 -22.20
N LYS A 484 18.68 0.72 -22.55
CA LYS A 484 19.40 1.73 -21.79
C LYS A 484 18.70 1.98 -20.46
N GLY A 485 19.48 2.30 -19.44
CA GLY A 485 18.89 2.56 -18.13
C GLY A 485 19.86 2.32 -16.98
N LEU A 486 20.13 3.37 -16.21
CA LEU A 486 21.04 3.27 -15.07
C LEU A 486 20.78 4.41 -14.09
N ARG A 487 20.76 4.10 -12.80
CA ARG A 487 20.51 5.10 -11.76
C ARG A 487 21.76 5.91 -11.45
N ALA A 488 21.79 7.15 -11.91
CA ALA A 488 22.93 8.04 -11.71
C ALA A 488 22.82 8.87 -10.43
N ASP A 489 21.66 9.48 -10.22
CA ASP A 489 21.42 10.32 -9.03
C ASP A 489 20.66 9.57 -7.94
N TRP A 490 20.33 10.26 -6.86
CA TRP A 490 19.62 9.63 -5.75
C TRP A 490 18.16 9.28 -6.03
N ASN A 491 17.65 9.69 -7.19
CA ASN A 491 16.27 9.38 -7.56
C ASN A 491 16.24 7.96 -8.14
N ASP A 492 15.34 7.11 -7.65
CA ASP A 492 15.23 5.75 -8.16
C ASP A 492 14.68 5.78 -9.58
N CYS A 493 15.49 6.29 -10.50
CA CYS A 493 15.11 6.42 -11.90
C CYS A 493 16.22 5.90 -12.80
N LEU A 494 15.87 5.00 -13.73
CA LEU A 494 16.83 4.44 -14.66
C LEU A 494 16.99 5.39 -15.85
N ASN A 495 17.85 6.39 -15.69
CA ASN A 495 18.09 7.38 -16.72
C ASN A 495 18.59 6.75 -18.02
N LEU A 496 18.43 7.48 -19.12
CA LEU A 496 18.85 7.01 -20.44
C LEU A 496 20.14 7.71 -20.88
N GLY A 497 20.82 8.33 -19.91
CA GLY A 497 22.05 9.04 -20.23
C GLY A 497 23.31 8.18 -20.32
N GLY A 498 23.16 6.90 -20.58
CA GLY A 498 24.31 6.03 -20.69
C GLY A 498 24.29 4.90 -19.68
N GLY A 499 24.46 3.68 -20.18
CA GLY A 499 24.42 2.51 -19.32
C GLY A 499 23.26 1.64 -19.73
N GLU A 500 23.48 0.32 -19.76
CA GLU A 500 22.44 -0.62 -20.15
C GLU A 500 21.96 -1.44 -18.96
N SER A 501 20.66 -1.71 -18.90
CA SER A 501 20.08 -2.46 -17.79
C SER A 501 19.49 -3.80 -18.21
N SER A 502 19.96 -4.87 -17.55
CA SER A 502 19.45 -6.20 -17.83
C SER A 502 17.97 -6.24 -17.46
N MET A 503 17.65 -5.69 -16.30
CA MET A 503 16.27 -5.67 -15.83
C MET A 503 15.30 -5.05 -16.82
N VAL A 504 15.69 -3.96 -17.46
CA VAL A 504 14.82 -3.32 -18.42
C VAL A 504 14.60 -4.20 -19.66
N SER A 505 15.67 -4.86 -20.11
CA SER A 505 15.53 -5.74 -21.26
C SER A 505 14.63 -6.92 -20.93
N PHE A 506 14.78 -7.47 -19.73
CA PHE A 506 13.94 -8.59 -19.34
C PHE A 506 12.49 -8.13 -19.22
N LEU A 507 12.28 -6.93 -18.66
CA LEU A 507 10.94 -6.38 -18.52
C LEU A 507 10.34 -6.18 -19.91
N HIS A 508 11.16 -5.71 -20.85
CA HIS A 508 10.69 -5.49 -22.21
C HIS A 508 10.22 -6.81 -22.80
N PHE A 509 11.00 -7.87 -22.59
CA PHE A 509 10.64 -9.18 -23.10
C PHE A 509 9.31 -9.64 -22.51
N TRP A 510 9.15 -9.44 -21.21
CA TRP A 510 7.92 -9.84 -20.53
C TRP A 510 6.72 -9.08 -21.12
N ALA A 511 6.87 -7.77 -21.26
CA ALA A 511 5.80 -6.95 -21.82
C ALA A 511 5.49 -7.40 -23.25
N LEU A 512 6.53 -7.80 -23.99
CA LEU A 512 6.35 -8.26 -25.36
C LEU A 512 5.58 -9.56 -25.40
N GLN A 513 5.92 -10.49 -24.52
CA GLN A 513 5.22 -11.77 -24.48
C GLN A 513 3.74 -11.52 -24.18
N GLU A 514 3.47 -10.61 -23.26
CA GLU A 514 2.09 -10.29 -22.91
C GLU A 514 1.36 -9.69 -24.11
N PHE A 515 2.00 -8.75 -24.79
CA PHE A 515 1.39 -8.12 -25.95
C PHE A 515 1.18 -9.10 -27.10
N ILE A 516 2.13 -10.00 -27.29
CA ILE A 516 2.01 -10.99 -28.35
C ILE A 516 0.76 -11.84 -28.13
N ASP A 517 0.56 -12.29 -26.89
CA ASP A 517 -0.61 -13.10 -26.57
C ASP A 517 -1.88 -12.30 -26.87
N LEU A 518 -1.85 -11.01 -26.56
CA LEU A 518 -2.99 -10.14 -26.80
C LEU A 518 -3.29 -10.04 -28.30
N ALA A 519 -2.29 -9.64 -29.07
CA ALA A 519 -2.46 -9.49 -30.52
C ALA A 519 -2.95 -10.79 -31.12
N LYS A 520 -2.48 -11.91 -30.58
CA LYS A 520 -2.89 -13.22 -31.06
C LYS A 520 -4.38 -13.40 -30.78
N PHE A 521 -4.79 -13.01 -29.58
CA PHE A 521 -6.19 -13.11 -29.16
C PHE A 521 -7.09 -12.20 -30.00
N LEU A 522 -6.58 -11.03 -30.36
CA LEU A 522 -7.35 -10.05 -31.14
C LEU A 522 -7.25 -10.29 -32.65
N GLY A 523 -6.44 -11.26 -33.05
CA GLY A 523 -6.29 -11.55 -34.47
C GLY A 523 -5.48 -10.53 -35.23
N LYS A 524 -4.58 -9.83 -34.54
CA LYS A 524 -3.72 -8.83 -35.18
C LYS A 524 -2.43 -9.51 -35.65
N ASP A 525 -2.57 -10.34 -36.68
CA ASP A 525 -1.45 -11.10 -37.23
C ASP A 525 -0.20 -10.27 -37.50
N GLN A 526 -0.37 -9.10 -38.10
CA GLN A 526 0.75 -8.23 -38.42
C GLN A 526 1.55 -7.87 -37.18
N ASP A 527 0.85 -7.48 -36.12
CA ASP A 527 1.54 -7.10 -34.88
C ASP A 527 2.16 -8.33 -34.22
N VAL A 528 1.50 -9.47 -34.37
CA VAL A 528 2.02 -10.70 -33.78
C VAL A 528 3.41 -10.99 -34.35
N ASN A 529 3.55 -10.86 -35.67
CA ASN A 529 4.82 -11.10 -36.32
C ASN A 529 5.86 -10.05 -35.93
N THR A 530 5.47 -8.79 -35.94
CA THR A 530 6.36 -7.69 -35.59
C THR A 530 6.95 -7.83 -34.20
N TYR A 531 6.09 -8.03 -33.22
CA TYR A 531 6.55 -8.13 -31.84
C TYR A 531 7.16 -9.48 -31.47
N THR A 532 6.83 -10.52 -32.23
CA THR A 532 7.42 -11.82 -31.96
C THR A 532 8.88 -11.70 -32.38
N GLU A 533 9.10 -11.02 -33.50
CA GLU A 533 10.44 -10.80 -34.03
C GLU A 533 11.23 -9.93 -33.06
N MET A 534 10.57 -8.90 -32.54
CA MET A 534 11.22 -7.99 -31.59
C MET A 534 11.63 -8.76 -30.34
N ALA A 535 10.72 -9.60 -29.84
CA ALA A 535 11.00 -10.40 -28.65
C ALA A 535 12.15 -11.36 -28.93
N ALA A 536 12.15 -11.97 -30.12
CA ALA A 536 13.20 -12.90 -30.49
C ALA A 536 14.57 -12.23 -30.43
N ASN A 537 14.65 -11.00 -30.92
CA ASN A 537 15.91 -10.26 -30.90
C ASN A 537 16.34 -9.92 -29.48
N VAL A 538 15.37 -9.62 -28.62
CA VAL A 538 15.68 -9.30 -27.23
C VAL A 538 16.25 -10.53 -26.54
N ARG A 539 15.62 -11.67 -26.75
CA ARG A 539 16.08 -12.90 -26.12
C ARG A 539 17.50 -13.26 -26.56
N GLU A 540 17.76 -13.17 -27.86
CA GLU A 540 19.08 -13.48 -28.38
C GLU A 540 20.16 -12.57 -27.81
N ALA A 541 19.86 -11.28 -27.73
CA ALA A 541 20.80 -10.30 -27.20
C ALA A 541 21.08 -10.55 -25.72
N CYS A 542 20.05 -10.86 -24.95
CA CYS A 542 20.22 -11.09 -23.52
C CYS A 542 20.98 -12.38 -23.24
N GLU A 543 20.63 -13.45 -23.95
CA GLU A 543 21.29 -14.74 -23.74
C GLU A 543 22.75 -14.71 -24.17
N THR A 544 23.05 -13.86 -25.15
CA THR A 544 24.42 -13.72 -25.65
C THR A 544 25.31 -12.83 -24.79
N HIS A 545 24.78 -11.70 -24.35
CA HIS A 545 25.58 -10.73 -23.60
C HIS A 545 25.43 -10.61 -22.09
N LEU A 546 24.31 -11.07 -21.53
CA LEU A 546 24.07 -10.91 -20.10
C LEU A 546 24.35 -12.09 -19.17
N TRP A 547 24.68 -13.25 -19.73
CA TRP A 547 24.95 -14.41 -18.90
C TRP A 547 26.43 -14.48 -18.52
N ASP A 548 26.70 -14.73 -17.23
CA ASP A 548 28.07 -14.87 -16.75
C ASP A 548 28.25 -16.36 -16.52
N ASP A 549 29.00 -17.03 -17.40
CA ASP A 549 29.18 -18.47 -17.27
C ASP A 549 30.22 -18.90 -16.24
N GLU A 550 30.84 -17.94 -15.57
CA GLU A 550 31.81 -18.28 -14.54
C GLU A 550 31.07 -18.36 -13.21
N GLY A 551 30.19 -17.40 -12.98
CA GLY A 551 29.42 -17.39 -11.75
C GLY A 551 28.12 -18.16 -11.87
N GLY A 552 27.56 -18.20 -13.07
CA GLY A 552 26.31 -18.91 -13.30
C GLY A 552 25.11 -18.07 -12.96
N TRP A 553 25.05 -16.87 -13.53
CA TRP A 553 23.94 -15.95 -13.28
C TRP A 553 23.94 -14.84 -14.32
N TYR A 554 22.90 -14.01 -14.30
CA TYR A 554 22.80 -12.89 -15.22
C TYR A 554 23.37 -11.62 -14.58
N ILE A 555 24.12 -10.85 -15.35
CA ILE A 555 24.71 -9.61 -14.85
C ILE A 555 23.64 -8.54 -14.66
N ARG A 556 23.99 -7.48 -13.96
CA ARG A 556 23.03 -6.40 -13.71
C ARG A 556 22.88 -5.53 -14.96
N GLY A 557 23.98 -5.37 -15.70
CA GLY A 557 23.95 -4.55 -16.89
C GLY A 557 25.37 -4.17 -17.28
N LEU A 558 25.50 -3.09 -18.05
CA LEU A 558 26.81 -2.61 -18.46
C LEU A 558 26.92 -1.11 -18.28
N THR A 559 28.12 -0.63 -17.98
CA THR A 559 28.34 0.81 -17.82
C THR A 559 28.29 1.44 -19.20
N LYS A 560 28.27 2.76 -19.25
CA LYS A 560 28.23 3.45 -20.53
C LYS A 560 29.50 3.14 -21.33
N ASN A 561 30.55 2.73 -20.63
CA ASN A 561 31.81 2.40 -21.28
C ASN A 561 31.92 0.93 -21.66
N GLY A 562 30.83 0.20 -21.51
CA GLY A 562 30.81 -1.20 -21.89
C GLY A 562 31.34 -2.21 -20.89
N ASP A 563 31.54 -1.82 -19.63
CA ASP A 563 32.03 -2.76 -18.65
C ASP A 563 30.85 -3.45 -17.98
N LYS A 564 30.88 -4.79 -17.96
CA LYS A 564 29.80 -5.55 -17.35
C LYS A 564 29.77 -5.38 -15.84
N ILE A 565 28.57 -5.17 -15.31
CA ILE A 565 28.37 -4.98 -13.88
C ILE A 565 27.62 -6.20 -13.33
N GLY A 566 28.23 -6.88 -12.37
CA GLY A 566 27.59 -8.06 -11.79
C GLY A 566 28.22 -9.34 -12.32
N THR A 567 29.54 -9.42 -12.26
CA THR A 567 30.26 -10.60 -12.75
C THR A 567 30.92 -11.38 -11.60
N ALA A 568 31.25 -12.64 -11.86
CA ALA A 568 31.87 -13.49 -10.86
C ALA A 568 33.28 -13.03 -10.50
N GLN A 569 33.89 -12.23 -11.37
CA GLN A 569 35.25 -11.75 -11.14
C GLN A 569 35.35 -10.47 -10.32
N GLN A 570 34.24 -9.76 -10.13
CA GLN A 570 34.27 -8.53 -9.36
C GLN A 570 34.24 -8.78 -7.86
N GLN A 571 34.74 -7.81 -7.10
CA GLN A 571 34.81 -7.92 -5.65
C GLN A 571 33.52 -7.44 -4.97
N GLU A 572 32.84 -6.50 -5.61
CA GLU A 572 31.60 -5.95 -5.06
C GLU A 572 30.46 -6.05 -6.06
N GLY A 573 29.23 -6.18 -5.56
CA GLY A 573 28.07 -6.27 -6.41
C GLY A 573 28.15 -7.32 -7.50
N ARG A 574 28.33 -8.57 -7.10
CA ARG A 574 28.41 -9.67 -8.04
C ARG A 574 27.05 -10.23 -8.46
N VAL A 575 26.22 -10.56 -7.47
CA VAL A 575 24.90 -11.13 -7.74
C VAL A 575 23.78 -10.13 -7.47
N HIS A 576 22.92 -9.94 -8.47
CA HIS A 576 21.81 -9.00 -8.37
C HIS A 576 20.45 -9.67 -8.46
N LEU A 577 19.57 -9.33 -7.52
CA LEU A 577 18.25 -9.92 -7.45
C LEU A 577 17.32 -9.60 -8.61
N GLU A 578 17.26 -8.33 -9.00
CA GLU A 578 16.37 -7.90 -10.05
C GLU A 578 16.60 -8.54 -11.41
N SER A 579 17.84 -8.53 -11.88
CA SER A 579 18.14 -9.11 -13.18
C SER A 579 17.86 -10.60 -13.22
N ASN A 580 18.33 -11.32 -12.21
CA ASN A 580 18.14 -12.76 -12.16
C ASN A 580 16.70 -13.23 -11.99
N THR A 581 15.92 -12.54 -11.18
CA THR A 581 14.54 -12.95 -11.00
C THR A 581 13.72 -12.63 -12.25
N LEU A 582 13.95 -11.46 -12.83
CA LEU A 582 13.20 -11.07 -14.02
C LEU A 582 13.56 -11.88 -15.25
N ALA A 583 14.80 -12.37 -15.30
CA ALA A 583 15.21 -13.19 -16.44
C ALA A 583 14.27 -14.39 -16.51
N VAL A 584 13.88 -14.88 -15.34
CA VAL A 584 12.98 -16.03 -15.26
C VAL A 584 11.51 -15.64 -15.30
N LEU A 585 11.13 -14.65 -14.51
CA LEU A 585 9.74 -14.19 -14.48
C LEU A 585 9.25 -13.81 -15.88
N SER A 586 10.12 -13.17 -16.65
CA SER A 586 9.78 -12.73 -18.00
C SER A 586 9.60 -13.88 -18.98
N GLY A 587 10.20 -15.01 -18.67
CA GLY A 587 10.10 -16.17 -19.55
C GLY A 587 11.23 -16.19 -20.57
N LEU A 588 12.18 -15.27 -20.43
CA LEU A 588 13.29 -15.21 -21.37
C LEU A 588 14.31 -16.32 -21.12
N ALA A 589 14.74 -16.46 -19.87
CA ALA A 589 15.74 -17.46 -19.49
C ALA A 589 15.30 -18.90 -19.67
N SER A 590 16.25 -19.75 -20.06
CA SER A 590 15.96 -21.17 -20.23
C SER A 590 15.79 -21.74 -18.83
N GLN A 591 15.22 -22.93 -18.73
CA GLN A 591 15.03 -23.60 -17.45
C GLN A 591 16.39 -23.81 -16.79
N GLU A 592 17.37 -24.19 -17.60
CA GLU A 592 18.71 -24.45 -17.11
C GLU A 592 19.39 -23.21 -16.52
N ARG A 593 19.45 -22.13 -17.28
CA ARG A 593 20.06 -20.91 -16.78
C ARG A 593 19.23 -20.34 -15.65
N GLY A 594 17.91 -20.49 -15.76
CA GLY A 594 17.02 -19.99 -14.73
C GLY A 594 17.30 -20.63 -13.39
N GLU A 595 17.41 -21.95 -13.35
CA GLU A 595 17.68 -22.65 -12.09
C GLU A 595 19.02 -22.27 -11.50
N GLN A 596 20.04 -22.16 -12.34
CA GLN A 596 21.36 -21.81 -11.83
C GLN A 596 21.42 -20.38 -11.34
N ALA A 597 20.77 -19.47 -12.05
CA ALA A 597 20.76 -18.07 -11.65
C ALA A 597 20.03 -17.93 -10.31
N MET A 598 18.89 -18.59 -10.19
CA MET A 598 18.13 -18.52 -8.95
C MET A 598 18.84 -19.25 -7.82
N ASP A 599 19.68 -20.22 -8.15
CA ASP A 599 20.42 -20.92 -7.11
C ASP A 599 21.49 -19.97 -6.56
N ALA A 600 21.97 -19.08 -7.41
CA ALA A 600 22.97 -18.09 -6.99
C ALA A 600 22.26 -17.08 -6.09
N VAL A 601 21.02 -16.76 -6.45
CA VAL A 601 20.22 -15.82 -5.67
C VAL A 601 20.01 -16.40 -4.27
N ASP A 602 19.62 -17.66 -4.21
CA ASP A 602 19.39 -18.31 -2.93
C ASP A 602 20.68 -18.38 -2.10
N GLU A 603 21.74 -18.89 -2.70
CA GLU A 603 23.01 -19.03 -1.99
C GLU A 603 23.66 -17.72 -1.53
N HIS A 604 23.63 -16.70 -2.37
CA HIS A 604 24.27 -15.44 -2.02
C HIS A 604 23.39 -14.31 -1.49
N LEU A 605 22.08 -14.40 -1.73
CA LEU A 605 21.20 -13.33 -1.28
C LEU A 605 20.18 -13.68 -0.20
N PHE A 606 19.90 -14.96 -0.01
CA PHE A 606 18.92 -15.34 1.00
C PHE A 606 19.35 -15.12 2.44
N SER A 607 18.41 -14.68 3.26
CA SER A 607 18.62 -14.47 4.69
C SER A 607 17.28 -14.75 5.35
N PRO A 608 17.29 -15.00 6.67
CA PRO A 608 16.03 -15.29 7.38
C PRO A 608 14.99 -14.17 7.27
N TYR A 609 15.42 -13.00 6.81
CA TYR A 609 14.54 -11.84 6.69
C TYR A 609 14.10 -11.57 5.27
N GLY A 610 14.61 -12.35 4.33
CA GLY A 610 14.26 -12.14 2.94
C GLY A 610 15.50 -12.09 2.07
N LEU A 611 15.31 -11.82 0.78
CA LEU A 611 16.41 -11.78 -0.18
C LEU A 611 17.06 -10.42 -0.36
N HIS A 612 18.39 -10.37 -0.21
CA HIS A 612 19.13 -9.12 -0.39
C HIS A 612 19.06 -8.71 -1.87
N LEU A 613 19.12 -7.42 -2.13
CA LEU A 613 19.05 -6.91 -3.49
C LEU A 613 20.31 -7.22 -4.31
N ASN A 614 21.44 -7.28 -3.63
CA ASN A 614 22.71 -7.56 -4.28
C ASN A 614 23.76 -7.93 -3.25
N ALA A 615 24.85 -8.54 -3.72
CA ALA A 615 25.94 -8.94 -2.84
C ALA A 615 27.20 -9.25 -3.63
N PRO A 616 28.37 -8.90 -3.08
CA PRO A 616 28.53 -8.19 -1.81
C PRO A 616 28.11 -6.74 -2.00
N SER A 617 27.95 -5.99 -0.92
CA SER A 617 27.56 -4.59 -1.02
C SER A 617 28.70 -3.78 -1.62
N PHE A 618 28.37 -2.64 -2.23
CA PHE A 618 29.36 -1.77 -2.82
C PHE A 618 30.00 -0.94 -1.71
N SER A 619 31.30 -0.69 -1.83
CA SER A 619 32.01 0.10 -0.82
C SER A 619 32.88 1.15 -1.49
N THR A 620 32.94 1.12 -2.80
CA THR A 620 33.74 2.07 -3.57
C THR A 620 32.87 2.89 -4.50
N PRO A 621 32.86 4.22 -4.32
CA PRO A 621 32.03 5.04 -5.20
C PRO A 621 32.47 4.90 -6.66
N ASN A 622 31.50 4.59 -7.53
CA ASN A 622 31.77 4.41 -8.96
C ASN A 622 30.56 4.92 -9.70
N ASP A 623 30.65 6.15 -10.22
CA ASP A 623 29.54 6.76 -10.94
C ASP A 623 29.20 6.06 -12.25
N ASP A 624 30.09 5.22 -12.74
CA ASP A 624 29.82 4.48 -13.97
C ASP A 624 28.79 3.42 -13.65
N ILE A 625 28.82 2.93 -12.41
CA ILE A 625 27.87 1.92 -11.96
C ILE A 625 26.59 2.59 -11.46
N GLY A 626 26.74 3.71 -10.75
CA GLY A 626 25.56 4.41 -10.26
C GLY A 626 25.63 4.88 -8.82
N PHE A 627 24.58 5.58 -8.40
CA PHE A 627 24.47 6.12 -7.06
C PHE A 627 24.54 5.05 -5.97
N VAL A 628 24.19 3.82 -6.32
CA VAL A 628 24.20 2.72 -5.36
C VAL A 628 25.57 2.55 -4.68
N THR A 629 26.63 2.96 -5.39
CA THR A 629 27.98 2.84 -4.84
C THR A 629 28.29 3.92 -3.81
N ARG A 630 27.34 4.86 -3.63
CA ARG A 630 27.51 5.95 -2.69
C ARG A 630 26.52 5.84 -1.52
N VAL A 631 25.86 4.68 -1.43
CA VAL A 631 24.88 4.42 -0.37
C VAL A 631 25.50 3.53 0.70
N TYR A 632 25.05 3.69 1.94
CA TYR A 632 25.56 2.89 3.05
C TYR A 632 25.34 1.41 2.77
N GLN A 633 26.29 0.57 3.19
CA GLN A 633 26.18 -0.88 2.98
C GLN A 633 25.05 -1.47 3.80
N GLY A 634 24.24 -2.31 3.13
CA GLY A 634 23.11 -2.95 3.78
C GLY A 634 21.90 -2.04 3.85
N VAL A 635 21.97 -0.90 3.16
CA VAL A 635 20.90 0.09 3.17
C VAL A 635 20.34 0.41 1.79
N LYS A 636 19.02 0.59 1.72
CA LYS A 636 18.36 0.91 0.46
C LYS A 636 18.86 0.03 -0.69
N GLU A 637 19.23 0.65 -1.80
CA GLU A 637 19.70 -0.06 -2.97
C GLU A 637 21.02 -0.81 -2.82
N ASN A 638 21.81 -0.44 -1.82
CA ASN A 638 23.11 -1.09 -1.65
C ASN A 638 23.19 -2.20 -0.61
N GLY A 639 22.77 -3.39 -0.99
CA GLY A 639 22.86 -4.52 -0.09
C GLY A 639 21.77 -4.69 0.96
N ALA A 640 20.68 -3.94 0.86
CA ALA A 640 19.61 -4.12 1.82
C ALA A 640 18.65 -5.17 1.27
N ILE A 641 17.68 -5.56 2.07
CA ILE A 641 16.67 -6.52 1.62
C ILE A 641 15.56 -5.62 1.09
N PHE A 642 15.62 -5.33 -0.21
CA PHE A 642 14.60 -4.49 -0.84
C PHE A 642 13.44 -5.43 -1.13
N SER A 643 12.33 -5.22 -0.43
CA SER A 643 11.16 -6.07 -0.54
C SER A 643 10.49 -6.24 -1.90
N HIS A 644 10.31 -5.14 -2.62
CA HIS A 644 9.65 -5.15 -3.92
C HIS A 644 10.00 -6.33 -4.83
N PRO A 645 11.30 -6.57 -5.10
CA PRO A 645 11.72 -7.67 -5.97
C PRO A 645 11.62 -9.08 -5.38
N ASN A 646 11.41 -9.19 -4.08
CA ASN A 646 11.30 -10.52 -3.48
C ASN A 646 10.18 -11.35 -4.11
N PRO A 647 8.99 -10.76 -4.30
CA PRO A 647 7.91 -11.54 -4.93
C PRO A 647 8.30 -12.04 -6.32
N TRP A 648 9.17 -11.31 -7.02
CA TRP A 648 9.59 -11.74 -8.35
C TRP A 648 10.33 -13.07 -8.24
N ALA A 649 11.06 -13.25 -7.14
CA ALA A 649 11.79 -14.48 -6.91
C ALA A 649 10.81 -15.63 -6.70
N TRP A 650 9.68 -15.34 -6.06
CA TRP A 650 8.69 -16.39 -5.85
C TRP A 650 8.13 -16.82 -7.20
N VAL A 651 7.79 -15.84 -8.03
CA VAL A 651 7.26 -16.14 -9.36
C VAL A 651 8.28 -16.95 -10.15
N ALA A 652 9.53 -16.49 -10.12
CA ALA A 652 10.59 -17.20 -10.84
C ALA A 652 10.64 -18.67 -10.42
N GLU A 653 10.65 -18.91 -9.11
CA GLU A 653 10.70 -20.27 -8.62
C GLU A 653 9.51 -21.12 -9.06
N THR A 654 8.31 -20.53 -9.15
CA THR A 654 7.15 -21.30 -9.57
C THR A 654 7.30 -21.66 -11.04
N LYS A 655 7.87 -20.77 -11.83
CA LYS A 655 8.05 -21.07 -13.25
C LYS A 655 9.09 -22.17 -13.44
N LEU A 656 9.98 -22.32 -12.46
CA LEU A 656 11.00 -23.34 -12.49
C LEU A 656 10.47 -24.63 -11.86
N GLY A 657 9.27 -24.55 -11.30
CA GLY A 657 8.65 -25.72 -10.69
C GLY A 657 9.19 -26.08 -9.31
N ARG A 658 9.81 -25.13 -8.63
CA ARG A 658 10.35 -25.39 -7.30
C ARG A 658 9.51 -24.68 -6.25
N GLY A 659 8.37 -25.29 -5.92
CA GLY A 659 7.46 -24.73 -4.94
C GLY A 659 8.02 -24.59 -3.54
N ASP A 660 8.86 -25.54 -3.12
CA ASP A 660 9.44 -25.48 -1.80
C ASP A 660 10.38 -24.28 -1.67
N ARG A 661 11.12 -24.00 -2.74
CA ARG A 661 12.04 -22.86 -2.75
C ARG A 661 11.22 -21.58 -2.69
N ALA A 662 10.15 -21.52 -3.47
CA ALA A 662 9.30 -20.34 -3.49
C ALA A 662 8.74 -20.04 -2.10
N MET A 663 8.26 -21.09 -1.42
CA MET A 663 7.69 -20.92 -0.09
C MET A 663 8.74 -20.55 0.96
N LYS A 664 9.97 -21.00 0.76
CA LYS A 664 11.01 -20.64 1.72
C LYS A 664 11.17 -19.13 1.67
N PHE A 665 11.17 -18.58 0.46
CA PHE A 665 11.30 -17.14 0.27
C PHE A 665 10.09 -16.40 0.83
N TYR A 666 8.90 -16.91 0.54
CA TYR A 666 7.68 -16.28 1.03
C TYR A 666 7.65 -16.22 2.55
N ASP A 667 7.92 -17.34 3.20
CA ASP A 667 7.91 -17.40 4.66
C ASP A 667 8.89 -16.44 5.33
N ALA A 668 10.04 -16.26 4.71
CA ALA A 668 11.09 -15.39 5.25
C ALA A 668 10.69 -13.92 5.24
N LEU A 669 9.97 -13.50 4.21
CA LEU A 669 9.56 -12.11 4.12
C LEU A 669 8.19 -11.83 4.74
N ASN A 670 7.36 -12.86 4.87
CA ASN A 670 6.02 -12.68 5.41
C ASN A 670 6.04 -12.02 6.80
N PRO A 671 5.51 -10.79 6.90
CA PRO A 671 5.46 -10.05 8.16
C PRO A 671 4.78 -10.84 9.27
N TYR A 672 3.77 -11.61 8.90
CA TYR A 672 3.02 -12.42 9.85
C TYR A 672 3.93 -13.29 10.71
N ASN A 673 4.92 -13.92 10.07
CA ASN A 673 5.83 -14.80 10.80
C ASN A 673 6.80 -14.09 11.72
N GLN A 674 6.83 -12.76 11.65
CA GLN A 674 7.73 -11.98 12.50
C GLN A 674 6.97 -11.29 13.63
N ASN A 675 5.77 -11.78 13.92
CA ASN A 675 4.95 -11.19 14.97
C ASN A 675 5.62 -11.14 16.34
N ASP A 676 6.50 -12.10 16.59
CA ASP A 676 7.19 -12.17 17.88
C ASP A 676 8.69 -11.84 17.85
N ILE A 677 9.10 -11.01 16.89
CA ILE A 677 10.49 -10.57 16.81
C ILE A 677 10.49 -9.07 16.54
N ILE A 678 9.50 -8.39 17.11
CA ILE A 678 9.36 -6.95 16.92
C ILE A 678 10.61 -6.19 17.40
N GLU A 679 11.30 -6.73 18.41
CA GLU A 679 12.49 -6.07 18.92
C GLU A 679 13.52 -5.91 17.81
N LYS A 680 13.45 -6.76 16.80
CA LYS A 680 14.36 -6.69 15.67
C LYS A 680 13.72 -6.04 14.44
N ARG A 681 12.49 -6.43 14.14
CA ARG A 681 11.76 -5.91 12.99
C ARG A 681 11.29 -4.46 13.14
N ILE A 682 10.77 -4.13 14.33
CA ILE A 682 10.25 -2.80 14.66
C ILE A 682 8.92 -2.46 13.98
N ALA A 683 8.86 -2.55 12.66
CA ALA A 683 7.64 -2.22 11.91
C ALA A 683 6.51 -3.24 12.02
N GLU A 684 5.31 -2.80 11.63
CA GLU A 684 4.08 -3.61 11.67
C GLU A 684 4.21 -5.02 11.10
N PRO A 685 3.79 -6.03 11.86
CA PRO A 685 3.86 -7.43 11.41
C PRO A 685 2.74 -7.79 10.45
N TYR A 686 1.88 -6.82 10.12
CA TYR A 686 0.78 -7.06 9.19
C TYR A 686 0.98 -6.34 7.86
N SER A 687 2.13 -5.66 7.73
CA SER A 687 2.41 -4.89 6.52
C SER A 687 3.79 -5.12 5.92
N TYR A 688 3.87 -5.20 4.60
CA TYR A 688 5.16 -5.36 3.92
C TYR A 688 5.79 -3.97 3.98
N VAL A 689 7.12 -3.91 3.97
CA VAL A 689 7.81 -2.63 4.02
C VAL A 689 8.70 -2.44 2.79
N GLN A 690 9.15 -1.22 2.55
CA GLN A 690 10.01 -0.98 1.38
C GLN A 690 11.30 -1.77 1.47
N PHE A 691 11.97 -1.72 2.61
CA PHE A 691 13.21 -2.47 2.76
C PHE A 691 13.57 -2.78 4.20
N ILE A 692 14.33 -3.84 4.37
CA ILE A 692 14.81 -4.29 5.67
C ILE A 692 16.33 -4.15 5.66
N MET A 693 16.90 -3.64 6.75
CA MET A 693 18.34 -3.48 6.79
C MET A 693 19.02 -4.81 6.48
N GLY A 694 20.00 -4.77 5.58
CA GLY A 694 20.71 -5.97 5.19
C GLY A 694 21.77 -6.42 6.18
N ARG A 695 22.35 -7.58 5.90
CA ARG A 695 23.38 -8.20 6.74
C ARG A 695 24.57 -7.29 7.02
N ASP A 696 24.83 -6.34 6.12
CA ASP A 696 25.96 -5.43 6.29
C ASP A 696 25.73 -4.24 7.21
N HIS A 697 24.49 -4.06 7.66
CA HIS A 697 24.21 -2.94 8.55
C HIS A 697 23.99 -3.51 9.95
N GLN A 698 24.41 -2.77 10.97
CA GLN A 698 24.27 -3.25 12.33
C GLN A 698 22.83 -3.44 12.79
N ASP A 699 21.88 -2.86 12.06
CA ASP A 699 20.47 -3.02 12.42
C ASP A 699 19.77 -4.07 11.55
N HIS A 700 20.56 -4.92 10.91
CA HIS A 700 20.06 -6.00 10.06
C HIS A 700 18.80 -6.59 10.67
N GLY A 701 17.72 -6.58 9.90
CA GLY A 701 16.47 -7.11 10.38
C GLY A 701 15.42 -6.05 10.60
N ARG A 702 15.83 -4.81 10.83
CA ARG A 702 14.86 -3.73 11.03
C ARG A 702 14.16 -3.40 9.72
N ALA A 703 12.83 -3.42 9.76
CA ALA A 703 12.00 -3.14 8.59
C ALA A 703 11.66 -1.65 8.50
N ASN A 704 11.78 -1.09 7.29
CA ASN A 704 11.53 0.34 7.09
C ASN A 704 10.49 0.68 6.02
N HIS A 705 9.58 1.59 6.36
CA HIS A 705 8.54 2.10 5.47
C HIS A 705 7.42 1.13 5.14
N PRO A 706 6.51 0.91 6.10
CA PRO A 706 5.39 -0.01 5.85
C PRO A 706 4.34 0.61 4.94
N TRP A 707 3.32 -0.18 4.64
CA TRP A 707 2.18 0.22 3.83
C TRP A 707 2.34 0.55 2.35
N LEU A 708 2.85 1.74 2.05
CA LEU A 708 2.97 2.16 0.66
C LEU A 708 4.18 1.66 -0.11
N THR A 709 4.21 0.36 -0.34
CA THR A 709 5.28 -0.27 -1.09
C THR A 709 4.67 -1.22 -2.12
N GLY A 710 5.30 -1.28 -3.30
CA GLY A 710 4.80 -2.14 -4.36
C GLY A 710 4.92 -3.60 -4.00
N THR A 711 5.60 -3.89 -2.89
CA THR A 711 5.77 -5.26 -2.42
C THR A 711 4.43 -5.94 -2.17
N SER A 712 3.48 -5.18 -1.62
CA SER A 712 2.17 -5.76 -1.31
C SER A 712 1.42 -6.21 -2.56
N GLY A 713 1.37 -5.33 -3.57
CA GLY A 713 0.69 -5.71 -4.79
C GLY A 713 1.37 -6.89 -5.46
N TRP A 714 2.69 -6.88 -5.50
CA TRP A 714 3.42 -7.98 -6.13
C TRP A 714 3.33 -9.28 -5.33
N ALA A 715 3.32 -9.17 -4.01
CA ALA A 715 3.22 -10.35 -3.17
C ALA A 715 1.85 -10.99 -3.39
N TYR A 716 0.81 -10.16 -3.44
CA TYR A 716 -0.54 -10.66 -3.65
C TYR A 716 -0.64 -11.35 -5.00
N PHE A 717 -0.11 -10.68 -6.02
CA PHE A 717 -0.12 -11.20 -7.39
C PHE A 717 0.66 -12.51 -7.49
N ALA A 718 1.84 -12.54 -6.89
CA ALA A 718 2.68 -13.74 -6.94
C ALA A 718 2.05 -14.96 -6.29
N VAL A 719 1.49 -14.78 -5.09
CA VAL A 719 0.89 -15.90 -4.39
C VAL A 719 -0.40 -16.40 -5.06
N THR A 720 -1.31 -15.49 -5.36
CA THR A 720 -2.57 -15.86 -5.98
C THR A 720 -2.44 -16.44 -7.39
N ASN A 721 -1.60 -15.82 -8.21
CA ASN A 721 -1.42 -16.24 -9.59
C ASN A 721 -0.35 -17.28 -9.90
N TYR A 722 0.65 -17.42 -9.03
CA TYR A 722 1.73 -18.35 -9.31
C TYR A 722 1.94 -19.47 -8.31
N ILE A 723 1.93 -19.17 -7.02
CA ILE A 723 2.07 -20.23 -6.03
C ILE A 723 0.76 -21.01 -6.04
N LEU A 724 -0.36 -20.31 -5.86
CA LEU A 724 -1.66 -20.96 -5.89
C LEU A 724 -2.04 -21.19 -7.35
N GLY A 725 -1.36 -20.48 -8.25
CA GLY A 725 -1.55 -20.63 -9.68
C GLY A 725 -2.89 -20.35 -10.34
N VAL A 726 -3.67 -19.43 -9.78
CA VAL A 726 -4.96 -19.11 -10.35
C VAL A 726 -4.82 -17.86 -11.22
N GLN A 727 -5.01 -18.01 -12.53
CA GLN A 727 -4.86 -16.89 -13.44
C GLN A 727 -6.02 -16.68 -14.41
N SER A 728 -6.58 -15.48 -14.40
CA SER A 728 -7.65 -15.17 -15.34
C SER A 728 -6.95 -15.02 -16.69
N GLY A 729 -7.66 -15.31 -17.77
CA GLY A 729 -7.08 -15.19 -19.09
C GLY A 729 -8.10 -14.58 -20.05
N PHE A 730 -7.69 -14.33 -21.29
CA PHE A 730 -8.60 -13.75 -22.27
C PHE A 730 -9.73 -14.70 -22.64
N THR A 731 -9.46 -16.00 -22.61
CA THR A 731 -10.47 -16.98 -22.98
C THR A 731 -10.88 -17.94 -21.87
N GLY A 732 -10.14 -17.95 -20.76
CA GLY A 732 -10.48 -18.86 -19.68
C GLY A 732 -9.68 -18.67 -18.42
N LEU A 733 -10.07 -19.41 -17.38
CA LEU A 733 -9.37 -19.34 -16.09
C LEU A 733 -8.42 -20.52 -15.98
N SER A 734 -7.16 -20.23 -15.68
CA SER A 734 -6.14 -21.26 -15.56
C SER A 734 -5.78 -21.58 -14.10
N VAL A 735 -5.56 -22.86 -13.83
CA VAL A 735 -5.16 -23.30 -12.49
C VAL A 735 -3.96 -24.21 -12.66
N ASP A 736 -2.78 -23.69 -12.32
CA ASP A 736 -1.54 -24.42 -12.46
C ASP A 736 -0.61 -24.03 -11.31
N PRO A 737 -0.89 -24.55 -10.11
CA PRO A 737 -0.14 -24.29 -8.87
C PRO A 737 1.28 -24.84 -8.80
N CYS A 738 2.10 -24.20 -7.96
CA CYS A 738 3.45 -24.64 -7.71
C CYS A 738 3.60 -24.43 -6.20
N ILE A 739 3.41 -25.53 -5.47
CA ILE A 739 3.42 -25.51 -4.02
C ILE A 739 4.47 -26.44 -3.43
N PRO A 740 4.66 -26.37 -2.11
CA PRO A 740 5.65 -27.24 -1.45
C PRO A 740 5.19 -28.69 -1.68
N SER A 741 6.13 -29.59 -1.93
CA SER A 741 5.77 -30.98 -2.20
C SER A 741 5.01 -31.67 -1.06
N ASP A 742 5.21 -31.22 0.17
CA ASP A 742 4.52 -31.85 1.31
C ASP A 742 3.08 -31.40 1.51
N TRP A 743 2.62 -30.44 0.71
CA TRP A 743 1.23 -29.97 0.82
C TRP A 743 0.31 -31.06 0.26
N PRO A 744 -0.70 -31.47 1.05
CA PRO A 744 -1.61 -32.51 0.55
C PRO A 744 -2.58 -31.89 -0.46
N GLY A 745 -2.64 -30.56 -0.44
CA GLY A 745 -3.52 -29.84 -1.33
C GLY A 745 -3.95 -28.52 -0.70
N PHE A 746 -4.88 -27.82 -1.35
CA PHE A 746 -5.39 -26.56 -0.85
C PHE A 746 -6.68 -26.22 -1.56
N GLU A 747 -7.39 -25.21 -1.06
CA GLU A 747 -8.67 -24.80 -1.64
C GLU A 747 -8.71 -23.29 -1.86
N VAL A 748 -9.32 -22.88 -2.96
CA VAL A 748 -9.46 -21.47 -3.28
C VAL A 748 -10.87 -21.15 -3.77
N THR A 749 -11.41 -20.02 -3.33
CA THR A 749 -12.72 -19.57 -3.79
C THR A 749 -12.35 -18.36 -4.65
N ARG A 750 -12.65 -18.43 -5.95
CA ARG A 750 -12.31 -17.35 -6.86
C ARG A 750 -13.51 -16.82 -7.63
N GLN A 751 -13.72 -15.51 -7.55
CA GLN A 751 -14.81 -14.87 -8.27
C GLN A 751 -14.18 -14.28 -9.53
N TRP A 752 -14.71 -14.64 -10.69
CA TRP A 752 -14.18 -14.13 -11.95
C TRP A 752 -15.32 -13.83 -12.92
N ARG A 753 -15.36 -12.59 -13.39
CA ARG A 753 -16.38 -12.14 -14.32
C ARG A 753 -17.81 -12.50 -13.92
N GLY A 754 -18.14 -12.27 -12.64
CA GLY A 754 -19.49 -12.54 -12.17
C GLY A 754 -19.85 -13.97 -11.83
N ALA A 755 -18.89 -14.89 -11.95
CA ALA A 755 -19.14 -16.28 -11.64
C ALA A 755 -18.16 -16.73 -10.56
N THR A 756 -18.54 -17.75 -9.79
CA THR A 756 -17.68 -18.25 -8.72
C THR A 756 -17.07 -19.61 -9.06
N TYR A 757 -15.79 -19.75 -8.76
CA TYR A 757 -15.08 -20.99 -9.02
C TYR A 757 -14.53 -21.52 -7.70
N HIS A 758 -15.09 -22.64 -7.26
CA HIS A 758 -14.68 -23.28 -6.02
C HIS A 758 -13.64 -24.32 -6.39
N ILE A 759 -12.38 -23.90 -6.29
CA ILE A 759 -11.24 -24.72 -6.66
C ILE A 759 -10.66 -25.57 -5.55
N GLN A 760 -10.52 -26.85 -5.82
CA GLN A 760 -9.94 -27.79 -4.88
C GLN A 760 -8.74 -28.44 -5.56
N VAL A 761 -7.56 -28.26 -4.96
CA VAL A 761 -6.34 -28.83 -5.50
C VAL A 761 -5.90 -30.01 -4.63
N GLU A 762 -5.70 -31.15 -5.28
CA GLU A 762 -5.29 -32.37 -4.61
C GLU A 762 -3.88 -32.76 -5.06
N ASN A 763 -3.03 -33.11 -4.10
CA ASN A 763 -1.65 -33.47 -4.37
C ASN A 763 -1.30 -34.81 -3.74
N PRO A 764 -1.98 -35.89 -4.17
CA PRO A 764 -1.77 -37.25 -3.64
C PRO A 764 -0.36 -37.82 -3.85
N ASP A 765 0.28 -37.47 -4.95
CA ASP A 765 1.63 -37.98 -5.22
C ASP A 765 2.72 -37.06 -4.67
N HIS A 766 2.28 -36.02 -3.96
CA HIS A 766 3.19 -35.05 -3.36
C HIS A 766 4.27 -34.50 -4.29
N VAL A 767 3.82 -33.85 -5.36
CA VAL A 767 4.73 -33.22 -6.31
C VAL A 767 4.62 -31.72 -5.98
N SER A 768 5.31 -30.88 -6.75
CA SER A 768 5.26 -29.44 -6.52
C SER A 768 4.46 -28.72 -7.60
N LYS A 769 4.59 -29.20 -8.83
CA LYS A 769 3.89 -28.59 -9.96
C LYS A 769 3.58 -29.65 -11.02
N GLY A 770 2.50 -29.42 -11.76
CA GLY A 770 2.10 -30.37 -12.80
C GLY A 770 0.68 -30.85 -12.58
N VAL A 771 -0.21 -30.48 -13.50
CA VAL A 771 -1.62 -30.86 -13.40
C VAL A 771 -1.88 -32.14 -14.18
N LYS A 772 -2.37 -33.15 -13.46
CA LYS A 772 -2.70 -34.44 -14.07
C LYS A 772 -4.09 -34.37 -14.67
N SER A 773 -5.00 -33.71 -13.98
CA SER A 773 -6.36 -33.58 -14.46
C SER A 773 -7.10 -32.40 -13.85
N ILE A 774 -8.13 -31.95 -14.55
CA ILE A 774 -8.97 -30.85 -14.08
C ILE A 774 -10.39 -31.19 -14.49
N THR A 775 -11.31 -31.13 -13.53
CA THR A 775 -12.71 -31.43 -13.82
C THR A 775 -13.55 -30.21 -13.48
N LEU A 776 -14.45 -29.86 -14.39
CA LEU A 776 -15.34 -28.72 -14.19
C LEU A 776 -16.74 -29.25 -13.98
N ASN A 777 -17.27 -29.03 -12.78
CA ASN A 777 -18.60 -29.50 -12.43
C ASN A 777 -18.74 -30.99 -12.72
N GLY A 778 -17.71 -31.75 -12.35
CA GLY A 778 -17.75 -33.18 -12.54
C GLY A 778 -17.29 -33.69 -13.89
N ALA A 779 -17.09 -32.79 -14.85
CA ALA A 779 -16.68 -33.19 -16.18
C ALA A 779 -15.22 -32.84 -16.46
N PRO A 780 -14.43 -33.84 -16.90
CA PRO A 780 -13.02 -33.57 -17.18
C PRO A 780 -12.89 -32.58 -18.34
N ILE A 781 -11.93 -31.67 -18.23
CA ILE A 781 -11.70 -30.70 -19.28
C ILE A 781 -10.21 -30.61 -19.53
N GLN A 782 -9.84 -30.10 -20.69
CA GLN A 782 -8.43 -29.95 -21.03
C GLN A 782 -8.17 -28.48 -21.34
N GLY A 783 -7.30 -27.88 -20.53
CA GLY A 783 -6.97 -26.48 -20.74
C GLY A 783 -7.63 -25.58 -19.72
N ARG A 784 -7.79 -24.32 -20.07
CA ARG A 784 -8.40 -23.33 -19.18
C ARG A 784 -9.89 -23.54 -19.02
N ILE A 785 -10.43 -22.99 -17.94
CA ILE A 785 -11.85 -23.09 -17.64
C ILE A 785 -12.56 -21.94 -18.35
N PRO A 786 -13.47 -22.26 -19.28
CA PRO A 786 -14.19 -21.20 -20.01
C PRO A 786 -15.02 -20.37 -19.03
N PRO A 787 -15.14 -19.06 -19.27
CA PRO A 787 -15.94 -18.23 -18.36
C PRO A 787 -17.38 -18.74 -18.32
N GLN A 788 -17.88 -19.05 -17.13
CA GLN A 788 -19.23 -19.55 -16.99
C GLN A 788 -20.27 -18.44 -16.87
N ALA A 789 -21.54 -18.82 -16.84
CA ALA A 789 -22.65 -17.87 -16.77
C ALA A 789 -22.61 -17.00 -15.51
N GLN A 790 -23.14 -15.78 -15.65
CA GLN A 790 -23.20 -14.83 -14.54
C GLN A 790 -23.92 -15.46 -13.35
N GLY A 791 -23.30 -15.36 -12.18
CA GLY A 791 -23.90 -15.90 -10.97
C GLY A 791 -23.76 -17.38 -10.76
N SER A 792 -23.19 -18.09 -11.73
CA SER A 792 -23.02 -19.53 -11.59
C SER A 792 -21.96 -19.87 -10.55
N ASP A 793 -22.10 -21.02 -9.94
CA ASP A 793 -21.18 -21.53 -8.94
C ASP A 793 -20.63 -22.82 -9.50
N ASN A 794 -19.32 -22.85 -9.70
CA ASN A 794 -18.68 -23.99 -10.32
C ASN A 794 -17.66 -24.72 -9.46
N GLN A 795 -17.74 -26.04 -9.46
CA GLN A 795 -16.80 -26.86 -8.71
C GLN A 795 -15.66 -27.25 -9.64
N VAL A 796 -14.44 -26.92 -9.24
CA VAL A 796 -13.25 -27.21 -10.02
C VAL A 796 -12.30 -28.06 -9.19
N VAL A 797 -12.02 -29.27 -9.67
CA VAL A 797 -11.12 -30.17 -8.95
C VAL A 797 -9.86 -30.34 -9.78
N VAL A 798 -8.73 -29.95 -9.19
CA VAL A 798 -7.44 -30.06 -9.87
C VAL A 798 -6.58 -31.09 -9.16
N VAL A 799 -6.14 -32.10 -9.90
CA VAL A 799 -5.29 -33.13 -9.32
C VAL A 799 -3.87 -32.97 -9.88
N LEU A 800 -2.90 -32.77 -8.99
CA LEU A 800 -1.52 -32.61 -9.42
C LEU A 800 -0.89 -33.99 -9.60
N GLY A 801 0.08 -34.09 -10.50
CA GLY A 801 0.75 -35.35 -10.74
C GLY A 801 1.68 -35.29 -11.93
#